data_4BQO
#
_entry.id   4BQO
#
_cell.length_a   47.200
_cell.length_b   67.900
_cell.length_c   71.900
_cell.angle_alpha   62.90
_cell.angle_beta   76.20
_cell.angle_gamma   69.80
#
_symmetry.space_group_name_H-M   'P 1'
#
loop_
_entity.id
_entity.type
_entity.pdbx_description
1 polymer 'PUTATIVE CAPSULAR POLYSACCHARIDE BIOSYNTHESIS PROTEIN'
2 non-polymer 'COENZYME A'
3 non-polymer DI(HYDROXYETHYL)ETHER
4 non-polymer 'TRIETHYLENE GLYCOL'
5 non-polymer 'BROMIDE ION'
6 water water
#
_entity_poly.entity_id   1
_entity_poly.type   'polypeptide(L)'
_entity_poly.pdbx_seq_one_letter_code
;SMAQRKKYSVYGSCQAPALAKMLNSCPTFARDWELVEMEPCFVASEEQIDRHLAETIPKLDLFLYQPVSEGYRGEKYSSV
FLRNSMPPGGNALSVQYMHWEGYHPTVNSPYGLPPHPEGYVDALIAGAVVMDVDKETYLRHLEEIGASLRIDIDEIESWC
VDELKTREVGENDGGKQIDISVTDFILANCRQKRLFYTMNHPTAALMREIAARCMLALGYTYSDISFDQNLDPLDVTKMS
LYPIYRDCFDFSELNRMNEYQVLYKKKAYEPYLLEQFEWFERSPKADVSAFFDRVAANRRWVRTALRRAFES
;
_entity_poly.pdbx_strand_id   A,B
#
# COMPACT_ATOMS: atom_id res chain seq x y z
N GLN A 4 40.68 25.40 10.71
CA GLN A 4 39.58 24.42 10.90
C GLN A 4 38.35 24.79 10.08
N ARG A 5 37.93 23.87 9.20
CA ARG A 5 36.68 24.05 8.45
C ARG A 5 35.50 23.99 9.42
N LYS A 6 34.46 24.74 9.12
CA LYS A 6 33.21 24.67 9.85
C LYS A 6 32.51 23.37 9.49
N LYS A 7 31.62 22.92 10.38
CA LYS A 7 30.94 21.65 10.22
CA LYS A 7 30.92 21.65 10.24
C LYS A 7 29.47 21.85 9.82
N TYR A 8 29.03 21.07 8.83
CA TYR A 8 27.61 21.09 8.45
C TYR A 8 27.13 19.68 8.19
N SER A 9 25.83 19.53 8.29
CA SER A 9 25.15 18.29 7.89
CA SER A 9 25.19 18.30 7.84
C SER A 9 23.99 18.64 6.98
N VAL A 10 23.58 17.70 6.13
CA VAL A 10 22.34 17.91 5.35
C VAL A 10 21.38 16.76 5.67
N TYR A 11 20.20 17.07 6.17
CA TYR A 11 19.25 16.05 6.62
C TYR A 11 17.92 16.20 5.88
N GLY A 12 17.39 15.09 5.38
CA GLY A 12 16.06 15.15 4.76
C GLY A 12 15.82 13.93 3.90
N SER A 13 15.26 14.13 2.72
CA SER A 13 14.92 13.03 1.81
C SER A 13 16.17 12.54 1.11
N CYS A 14 16.03 11.67 0.11
CA CYS A 14 17.12 11.35 -0.81
C CYS A 14 17.80 12.57 -1.45
N GLN A 15 17.08 13.71 -1.45
CA GLN A 15 17.63 14.91 -2.03
C GLN A 15 18.69 15.55 -1.14
N ALA A 16 18.69 15.17 0.15
CA ALA A 16 19.65 15.80 1.11
C ALA A 16 21.12 15.35 0.88
N PRO A 17 21.41 14.04 0.79
CA PRO A 17 22.76 13.63 0.45
C PRO A 17 23.20 14.18 -0.91
N ALA A 18 22.24 14.26 -1.84
CA ALA A 18 22.57 14.75 -3.16
C ALA A 18 23.02 16.22 -3.16
N LEU A 19 22.34 17.00 -2.33
CA LEU A 19 22.67 18.41 -2.16
C LEU A 19 24.04 18.56 -1.53
N ALA A 20 24.35 17.72 -0.53
CA ALA A 20 25.71 17.69 0.02
C ALA A 20 26.77 17.37 -1.02
N LYS A 21 26.54 16.36 -1.88
CA LYS A 21 27.49 16.07 -2.95
C LYS A 21 27.71 17.27 -3.83
N MET A 22 26.62 17.97 -4.15
CA MET A 22 26.72 19.09 -5.05
C MET A 22 27.51 20.24 -4.42
N LEU A 23 27.15 20.57 -3.18
CA LEU A 23 27.88 21.63 -2.43
C LEU A 23 29.38 21.31 -2.28
N ASN A 24 29.69 20.06 -1.97
CA ASN A 24 31.10 19.69 -1.83
C ASN A 24 31.91 19.78 -3.12
N SER A 25 31.24 19.84 -4.28
CA SER A 25 31.91 19.94 -5.58
C SER A 25 32.31 21.38 -5.93
N CYS A 26 31.89 22.33 -5.11
CA CYS A 26 32.30 23.73 -5.28
C CYS A 26 33.56 23.98 -4.46
N PRO A 27 34.68 24.37 -5.12
CA PRO A 27 35.99 24.52 -4.42
C PRO A 27 35.94 25.49 -3.24
N THR A 28 35.24 26.62 -3.39
CA THR A 28 35.14 27.62 -2.34
C THR A 28 34.38 27.07 -1.16
N PHE A 29 33.27 26.41 -1.44
CA PHE A 29 32.53 25.79 -0.39
C PHE A 29 33.35 24.71 0.35
N ALA A 30 34.05 23.83 -0.40
CA ALA A 30 34.79 22.71 0.21
C ALA A 30 35.96 23.22 1.04
N ARG A 31 36.52 24.38 0.66
CA ARG A 31 37.56 25.05 1.48
C ARG A 31 37.06 25.43 2.87
N ASP A 32 35.78 25.80 2.96
CA ASP A 32 35.21 26.35 4.19
C ASP A 32 34.49 25.36 5.04
N TRP A 33 34.03 24.26 4.46
CA TRP A 33 33.06 23.40 5.14
C TRP A 33 33.40 21.91 5.08
N GLU A 34 33.21 21.25 6.22
CA GLU A 34 33.36 19.81 6.32
C GLU A 34 31.99 19.18 6.58
N LEU A 35 31.62 18.22 5.74
CA LEU A 35 30.35 17.53 5.92
C LEU A 35 30.46 16.47 6.99
N VAL A 36 29.54 16.48 7.92
CA VAL A 36 29.35 15.36 8.84
C VAL A 36 28.06 14.73 8.34
N GLU A 37 28.17 13.54 7.76
CA GLU A 37 27.00 12.91 7.09
C GLU A 37 25.91 12.48 8.04
N MET A 38 24.67 12.79 7.68
CA MET A 38 23.50 12.25 8.39
C MET A 38 22.66 11.39 7.45
N GLU A 39 22.18 10.26 7.95
CA GLU A 39 21.37 9.37 7.12
C GLU A 39 20.05 10.05 6.81
N PRO A 40 19.51 9.87 5.58
CA PRO A 40 18.23 10.51 5.29
C PRO A 40 17.10 9.98 6.18
N CYS A 41 16.03 10.77 6.30
CA CYS A 41 14.89 10.48 7.17
C CYS A 41 14.27 9.10 6.93
N PHE A 42 14.41 8.56 5.73
CA PHE A 42 13.80 7.27 5.38
C PHE A 42 14.74 6.08 5.60
N VAL A 43 15.97 6.36 6.02
CA VAL A 43 17.02 5.35 6.21
CA VAL A 43 16.94 5.30 6.24
C VAL A 43 17.42 5.24 7.69
N ALA A 44 17.58 6.39 8.33
CA ALA A 44 18.11 6.49 9.70
C ALA A 44 17.44 5.53 10.69
N SER A 45 18.27 4.80 11.43
CA SER A 45 17.76 3.98 12.53
C SER A 45 17.58 4.81 13.80
N GLU A 46 16.86 4.27 14.77
CA GLU A 46 16.69 4.89 16.09
C GLU A 46 18.04 5.17 16.71
N GLU A 47 18.94 4.19 16.61
CA GLU A 47 20.29 4.31 17.13
CA GLU A 47 20.28 4.29 17.12
C GLU A 47 21.02 5.46 16.46
N GLN A 48 20.90 5.54 15.13
CA GLN A 48 21.55 6.59 14.36
C GLN A 48 20.99 7.98 14.71
N ILE A 49 19.67 8.09 14.80
CA ILE A 49 19.07 9.42 14.99
C ILE A 49 19.30 9.94 16.41
N ASP A 50 19.30 9.03 17.39
CA ASP A 50 19.67 9.34 18.77
C ASP A 50 21.11 9.83 18.87
N ARG A 51 22.03 9.13 18.21
CA ARG A 51 23.45 9.52 18.21
CA ARG A 51 23.45 9.49 18.19
C ARG A 51 23.66 10.87 17.57
N HIS A 52 22.96 11.16 16.47
CA HIS A 52 23.10 12.45 15.80
C HIS A 52 22.68 13.62 16.68
N LEU A 53 21.60 13.44 17.43
CA LEU A 53 21.10 14.50 18.29
C LEU A 53 22.14 14.81 19.38
N ALA A 54 22.79 13.76 19.88
CA ALA A 54 23.78 13.87 20.94
C ALA A 54 25.18 14.26 20.45
N GLU A 55 25.62 13.73 19.31
CA GLU A 55 27.02 13.83 18.84
C GLU A 55 27.28 14.66 17.59
N THR A 56 26.27 14.77 16.70
CA THR A 56 26.50 15.45 15.44
C THR A 56 26.00 16.88 15.57
N ILE A 57 24.71 17.00 15.86
CA ILE A 57 24.04 18.29 15.77
C ILE A 57 24.65 19.37 16.69
N PRO A 58 24.97 19.03 17.97
CA PRO A 58 25.57 20.06 18.85
C PRO A 58 26.92 20.58 18.36
N LYS A 59 27.57 19.84 17.46
CA LYS A 59 28.87 20.20 16.91
CA LYS A 59 28.87 20.20 16.90
C LYS A 59 28.80 20.96 15.56
N LEU A 60 27.59 21.28 15.11
CA LEU A 60 27.43 21.89 13.79
C LEU A 60 27.40 23.40 13.77
N ASP A 61 28.08 23.97 12.77
CA ASP A 61 27.91 25.37 12.45
C ASP A 61 26.71 25.61 11.56
N LEU A 62 26.41 24.62 10.71
CA LEU A 62 25.27 24.71 9.77
C LEU A 62 24.49 23.38 9.72
N PHE A 63 23.17 23.47 9.96
CA PHE A 63 22.24 22.35 9.72
C PHE A 63 21.38 22.74 8.48
N LEU A 64 21.66 22.10 7.33
CA LEU A 64 20.82 22.27 6.13
CA LEU A 64 20.84 22.27 6.13
C LEU A 64 19.85 21.12 6.11
N TYR A 65 18.57 21.43 6.11
CA TYR A 65 17.60 20.35 6.26
C TYR A 65 16.35 20.59 5.43
N GLN A 66 15.68 19.51 5.04
CA GLN A 66 14.35 19.59 4.46
C GLN A 66 13.35 19.29 5.55
N PRO A 67 12.17 19.91 5.53
CA PRO A 67 11.15 19.72 6.54
C PRO A 67 10.80 18.24 6.68
N VAL A 68 10.77 17.76 7.92
CA VAL A 68 10.33 16.39 8.22
C VAL A 68 9.37 16.52 9.40
N SER A 69 8.10 16.22 9.14
CA SER A 69 7.06 16.36 10.15
CA SER A 69 7.06 16.37 10.16
C SER A 69 7.23 15.39 11.32
N GLU A 70 6.64 15.73 12.46
CA GLU A 70 6.58 14.83 13.61
C GLU A 70 5.78 13.56 13.25
N GLY A 71 4.81 13.72 12.36
CA GLY A 71 3.92 12.64 11.96
C GLY A 71 4.55 11.58 11.07
N TYR A 72 5.67 11.93 10.43
CA TYR A 72 6.34 11.02 9.51
C TYR A 72 6.85 9.74 10.22
N ARG A 73 7.77 9.89 11.17
CA ARG A 73 8.28 8.74 11.93
C ARG A 73 8.32 8.98 13.45
N GLY A 74 7.78 10.11 13.89
CA GLY A 74 7.85 10.52 15.30
C GLY A 74 8.76 11.72 15.54
N GLU A 75 8.70 12.26 16.76
CA GLU A 75 9.44 13.48 17.10
C GLU A 75 10.94 13.36 16.84
N LYS A 76 11.47 12.17 17.13
CA LYS A 76 12.92 11.90 17.07
C LYS A 76 13.54 12.23 15.73
N TYR A 77 12.77 12.08 14.67
CA TYR A 77 13.24 12.23 13.30
C TYR A 77 12.82 13.55 12.68
N SER A 78 12.08 14.37 13.43
CA SER A 78 11.50 15.59 12.89
C SER A 78 12.52 16.69 12.81
N SER A 79 12.38 17.53 11.77
CA SER A 79 13.28 18.64 11.59
C SER A 79 13.23 19.66 12.73
N VAL A 80 12.04 19.91 13.27
CA VAL A 80 11.92 20.85 14.41
C VAL A 80 12.74 20.34 15.60
N PHE A 81 12.56 19.07 15.94
CA PHE A 81 13.23 18.46 17.09
C PHE A 81 14.74 18.45 16.91
N LEU A 82 15.20 18.10 15.71
CA LEU A 82 16.63 18.07 15.45
C LEU A 82 17.28 19.45 15.47
N ARG A 83 16.65 20.44 14.81
CA ARG A 83 17.27 21.77 14.73
C ARG A 83 17.28 22.46 16.10
N ASN A 84 16.32 22.08 16.94
CA ASN A 84 16.26 22.52 18.36
C ASN A 84 17.53 22.23 19.17
N SER A 85 18.28 21.21 18.76
CA SER A 85 19.50 20.83 19.47
C SER A 85 20.78 21.46 18.91
N MET A 86 20.63 22.39 17.97
CA MET A 86 21.76 23.13 17.41
C MET A 86 22.42 23.99 18.50
N PRO A 87 23.76 24.17 18.43
CA PRO A 87 24.37 25.05 19.42
C PRO A 87 23.99 26.51 19.19
N PRO A 88 24.14 27.37 20.23
N PRO A 88 23.94 27.33 20.26
CA PRO A 88 23.88 28.82 20.23
CA PRO A 88 23.76 28.76 20.02
C PRO A 88 24.20 29.55 18.92
C PRO A 88 24.87 29.26 19.11
N GLY A 89 25.46 29.53 18.51
N GLY A 89 24.53 30.11 18.15
CA GLY A 89 25.90 30.30 17.35
CA GLY A 89 25.53 30.58 17.19
C GLY A 89 25.74 29.56 16.04
C GLY A 89 25.61 29.67 15.98
N GLY A 90 24.86 28.56 16.02
CA GLY A 90 24.65 27.72 14.83
C GLY A 90 23.61 28.36 13.93
N ASN A 91 23.44 27.79 12.74
CA ASN A 91 22.51 28.32 11.76
C ASN A 91 21.81 27.09 11.17
N ALA A 92 20.48 27.07 11.25
CA ALA A 92 19.66 26.03 10.64
C ALA A 92 18.88 26.63 9.46
N LEU A 93 19.13 26.11 8.24
CA LEU A 93 18.46 26.63 7.04
C LEU A 93 17.67 25.51 6.41
N SER A 94 16.38 25.76 6.27
CA SER A 94 15.47 24.81 5.62
C SER A 94 15.50 24.95 4.09
N VAL A 95 15.46 23.79 3.45
CA VAL A 95 15.52 23.70 1.99
C VAL A 95 14.27 22.96 1.58
N GLN A 96 13.63 23.46 0.53
CA GLN A 96 12.39 22.88 0.00
C GLN A 96 12.57 21.39 -0.39
N TYR A 97 11.54 20.58 -0.07
CA TYR A 97 11.41 19.23 -0.64
C TYR A 97 10.89 19.38 -2.06
N MET A 98 11.64 18.87 -3.02
CA MET A 98 11.32 19.08 -4.43
CA MET A 98 11.36 19.04 -4.44
C MET A 98 10.41 17.94 -4.96
N HIS A 99 9.22 18.31 -5.40
CA HIS A 99 8.29 17.35 -5.94
C HIS A 99 7.58 18.07 -7.07
N TRP A 100 7.58 17.45 -8.24
CA TRP A 100 7.03 18.09 -9.43
C TRP A 100 6.54 17.04 -10.42
N GLU A 101 5.24 16.96 -10.62
CA GLU A 101 4.65 15.97 -11.52
C GLU A 101 4.40 16.50 -12.94
N GLY A 102 4.89 17.70 -13.23
CA GLY A 102 4.51 18.34 -14.47
C GLY A 102 5.04 17.71 -15.71
N TYR A 103 6.15 16.97 -15.62
CA TYR A 103 6.64 16.28 -16.82
C TYR A 103 5.92 14.95 -17.05
N HIS A 104 5.56 14.27 -15.97
CA HIS A 104 5.05 12.88 -16.04
C HIS A 104 3.78 12.84 -15.22
N PRO A 105 2.70 13.42 -15.75
CA PRO A 105 1.54 13.58 -14.85
C PRO A 105 0.75 12.30 -14.61
N THR A 106 1.11 11.22 -15.31
CA THR A 106 0.50 9.91 -15.14
C THR A 106 1.28 9.03 -14.14
N VAL A 107 2.43 9.50 -13.64
CA VAL A 107 3.32 8.64 -12.81
C VAL A 107 3.16 8.96 -11.34
N ASN A 108 3.09 7.88 -10.53
CA ASN A 108 3.14 8.04 -9.08
C ASN A 108 3.83 6.86 -8.44
N SER A 109 3.77 6.77 -7.11
CA SER A 109 4.34 5.62 -6.37
CA SER A 109 4.32 5.57 -6.46
C SER A 109 3.18 4.72 -5.91
N PRO A 110 3.37 3.39 -5.93
N PRO A 110 3.38 3.39 -5.83
CA PRO A 110 2.29 2.43 -5.73
CA PRO A 110 2.33 2.47 -5.36
C PRO A 110 1.92 2.19 -4.26
C PRO A 110 1.78 2.84 -3.98
N TYR A 111 1.58 3.25 -3.53
N TYR A 111 0.46 2.75 -3.82
CA TYR A 111 1.07 3.12 -2.16
CA TYR A 111 -0.14 2.81 -2.49
C TYR A 111 -0.21 2.28 -2.10
C TYR A 111 -1.00 1.60 -2.27
N GLY A 112 -0.23 1.26 -1.24
N GLY A 112 -0.90 1.03 -1.08
CA GLY A 112 -1.43 0.44 -1.09
CA GLY A 112 -1.65 -0.15 -0.77
C GLY A 112 -1.47 -0.84 -1.91
C GLY A 112 -1.40 -1.22 -1.81
N LEU A 113 -0.37 -1.04 -2.65
CA LEU A 113 -0.11 -2.10 -3.61
C LEU A 113 1.27 -2.64 -3.26
N PRO A 114 1.63 -3.82 -3.80
CA PRO A 114 2.95 -4.37 -3.46
C PRO A 114 4.06 -3.41 -3.82
N PRO A 115 5.16 -3.42 -3.06
CA PRO A 115 6.27 -2.56 -3.44
C PRO A 115 6.73 -2.85 -4.88
N HIS A 116 6.99 -1.79 -5.64
CA HIS A 116 7.49 -1.95 -6.99
C HIS A 116 9.01 -1.81 -6.97
N PRO A 117 9.73 -2.75 -7.56
CA PRO A 117 11.18 -2.68 -7.48
C PRO A 117 11.76 -1.41 -8.10
N GLU A 118 11.01 -0.74 -8.96
CA GLU A 118 11.53 0.49 -9.56
C GLU A 118 11.05 1.75 -8.85
N GLY A 119 10.02 1.64 -7.98
CA GLY A 119 9.54 2.76 -7.19
C GLY A 119 8.51 3.68 -7.81
N TYR A 120 8.22 3.46 -9.10
CA TYR A 120 7.27 4.29 -9.83
C TYR A 120 6.40 3.43 -10.72
N VAL A 121 5.13 3.81 -10.78
CA VAL A 121 4.18 3.16 -11.65
C VAL A 121 3.36 4.19 -12.42
N ASP A 122 2.80 3.76 -13.54
CA ASP A 122 1.92 4.60 -14.30
C ASP A 122 0.47 4.46 -13.83
N ALA A 123 0.01 5.47 -13.10
CA ALA A 123 -1.35 5.47 -12.57
C ALA A 123 -2.42 5.50 -13.64
N LEU A 124 -2.13 6.05 -14.82
CA LEU A 124 -3.15 6.04 -15.83
C LEU A 124 -3.35 4.61 -16.30
N ILE A 125 -2.28 3.83 -16.36
CA ILE A 125 -2.38 2.41 -16.69
C ILE A 125 -3.24 1.68 -15.63
N ALA A 126 -3.05 2.05 -14.37
CA ALA A 126 -3.93 1.48 -13.30
C ALA A 126 -5.40 1.72 -13.65
N GLY A 127 -5.73 2.96 -14.02
CA GLY A 127 -7.13 3.32 -14.36
C GLY A 127 -7.59 2.54 -15.56
N ALA A 128 -6.71 2.38 -16.55
CA ALA A 128 -7.05 1.59 -17.73
C ALA A 128 -7.32 0.14 -17.38
N VAL A 129 -6.51 -0.43 -16.48
CA VAL A 129 -6.68 -1.84 -16.11
C VAL A 129 -8.05 -2.03 -15.44
N VAL A 130 -8.43 -1.08 -14.60
CA VAL A 130 -9.74 -1.10 -13.89
C VAL A 130 -10.89 -1.07 -14.89
N MET A 131 -10.70 -0.31 -15.97
CA MET A 131 -11.70 -0.17 -17.06
C MET A 131 -11.73 -1.32 -18.06
N ASP A 132 -10.86 -2.32 -17.89
CA ASP A 132 -10.67 -3.43 -18.81
C ASP A 132 -10.18 -2.96 -20.20
N VAL A 133 -9.38 -1.89 -20.23
CA VAL A 133 -8.72 -1.45 -21.50
C VAL A 133 -7.52 -2.35 -21.61
N ASP A 134 -7.36 -3.06 -22.73
CA ASP A 134 -6.21 -3.94 -22.86
C ASP A 134 -4.95 -3.17 -23.29
N LYS A 135 -3.79 -3.77 -23.04
CA LYS A 135 -2.52 -3.09 -23.23
C LYS A 135 -2.34 -2.63 -24.69
N GLU A 136 -2.75 -3.44 -25.65
CA GLU A 136 -2.69 -3.04 -27.07
C GLU A 136 -3.50 -1.77 -27.41
N THR A 137 -4.72 -1.65 -26.89
CA THR A 137 -5.54 -0.48 -27.05
C THR A 137 -4.85 0.74 -26.43
N TYR A 138 -4.29 0.54 -25.23
CA TYR A 138 -3.64 1.64 -24.54
C TYR A 138 -2.49 2.16 -25.41
N LEU A 139 -1.67 1.25 -25.90
CA LEU A 139 -0.53 1.68 -26.75
C LEU A 139 -0.99 2.44 -27.99
N ARG A 140 -2.13 2.04 -28.57
N ARG A 140 -2.14 2.06 -28.55
CA ARG A 140 -2.69 2.75 -29.73
CA ARG A 140 -1.69 2.54 -31.50
CA ARG A 140 -2.66 2.77 -29.73
C ARG A 140 -3.14 4.17 -29.42
C ARG A 140 -3.12 4.18 -29.41
N HIS A 141 -3.47 4.42 -28.15
CA HIS A 141 -4.04 5.68 -27.71
C HIS A 141 -3.04 6.58 -27.00
N LEU A 142 -1.73 6.31 -27.07
CA LEU A 142 -0.76 7.18 -26.37
C LEU A 142 -0.87 8.61 -26.82
N GLU A 143 -1.06 8.84 -28.14
CA GLU A 143 -1.21 10.22 -28.59
C GLU A 143 -2.48 10.95 -28.09
N GLU A 144 -3.60 10.23 -27.99
CA GLU A 144 -4.80 10.82 -27.50
CA GLU A 144 -4.82 10.81 -27.47
C GLU A 144 -4.68 11.16 -26.00
N ILE A 145 -4.02 10.27 -25.24
CA ILE A 145 -3.73 10.58 -23.85
C ILE A 145 -2.84 11.82 -23.73
N GLY A 146 -1.77 11.87 -24.55
CA GLY A 146 -0.84 13.02 -24.58
C GLY A 146 -1.54 14.31 -25.01
N ALA A 147 -2.47 14.19 -25.97
CA ALA A 147 -3.25 15.35 -26.38
C ALA A 147 -4.15 15.93 -25.26
N SER A 148 -4.79 15.03 -24.50
CA SER A 148 -5.55 15.43 -23.36
C SER A 148 -4.69 16.11 -22.32
N LEU A 149 -3.54 15.50 -21.99
CA LEU A 149 -2.61 16.17 -21.07
C LEU A 149 -2.13 17.53 -21.56
N ARG A 150 -1.86 17.66 -22.88
CA ARG A 150 -1.44 18.91 -23.52
CA ARG A 150 -1.41 18.93 -23.43
C ARG A 150 -2.48 20.02 -23.29
N ILE A 151 -3.74 19.65 -23.48
CA ILE A 151 -4.82 20.64 -23.27
C ILE A 151 -4.82 21.10 -21.83
N ASP A 152 -4.48 20.17 -20.93
CA ASP A 152 -4.48 20.46 -19.51
C ASP A 152 -3.16 20.90 -18.89
N ILE A 153 -2.16 21.20 -19.71
CA ILE A 153 -0.80 21.51 -19.18
C ILE A 153 -0.75 22.69 -18.22
N ASP A 154 -1.53 23.75 -18.42
CA ASP A 154 -1.48 24.86 -17.49
C ASP A 154 -2.11 24.51 -16.16
N GLU A 155 -3.16 23.72 -16.19
CA GLU A 155 -3.86 23.29 -14.99
C GLU A 155 -2.91 22.38 -14.16
N ILE A 156 -2.21 21.50 -14.88
CA ILE A 156 -1.22 20.65 -14.22
C ILE A 156 -0.12 21.47 -13.55
N GLU A 157 0.46 22.38 -14.31
CA GLU A 157 1.52 23.24 -13.76
C GLU A 157 1.03 24.07 -12.60
N SER A 158 -0.16 24.65 -12.74
CA SER A 158 -0.72 25.47 -11.66
CA SER A 158 -0.72 25.46 -11.66
C SER A 158 -0.86 24.68 -10.36
N TRP A 159 -1.29 23.42 -10.48
CA TRP A 159 -1.45 22.59 -9.32
C TRP A 159 -0.08 22.22 -8.73
N CYS A 160 0.87 21.88 -9.60
CA CYS A 160 2.24 21.60 -9.13
C CYS A 160 2.81 22.78 -8.33
N VAL A 161 2.56 23.99 -8.83
CA VAL A 161 3.11 25.20 -8.18
C VAL A 161 2.40 25.42 -6.83
N ASP A 162 1.07 25.31 -6.84
CA ASP A 162 0.26 25.42 -5.60
C ASP A 162 0.70 24.45 -4.50
N GLU A 163 0.94 23.18 -4.86
CA GLU A 163 1.43 22.16 -3.92
C GLU A 163 2.74 22.57 -3.26
N LEU A 164 3.65 23.10 -4.06
CA LEU A 164 4.92 23.60 -3.54
C LEU A 164 4.70 24.83 -2.65
N LYS A 165 3.89 25.78 -3.10
CA LYS A 165 3.72 27.04 -2.33
C LYS A 165 3.09 26.78 -0.98
N THR A 166 2.15 25.85 -0.92
CA THR A 166 1.51 25.48 0.34
C THR A 166 2.53 24.91 1.32
N ARG A 167 3.38 24.04 0.83
CA ARG A 167 4.40 23.46 1.69
CA ARG A 167 4.42 23.44 1.66
C ARG A 167 5.45 24.47 2.14
N GLU A 168 5.69 25.50 1.34
CA GLU A 168 6.62 26.61 1.68
C GLU A 168 6.29 27.25 3.05
N VAL A 169 5.02 27.18 3.43
CA VAL A 169 4.55 27.76 4.69
C VAL A 169 5.15 26.99 5.87
N GLY A 170 5.50 25.72 5.62
CA GLY A 170 6.30 24.92 6.55
C GLY A 170 5.56 24.21 7.68
N GLU A 171 4.36 23.72 7.41
CA GLU A 171 3.65 22.88 8.39
C GLU A 171 4.43 21.60 8.76
N ASN A 172 5.28 21.12 7.85
CA ASN A 172 6.13 19.97 8.14
C ASN A 172 7.37 20.34 8.96
N ASP A 173 7.54 21.63 9.23
CA ASP A 173 8.67 22.11 10.02
C ASP A 173 8.20 23.06 11.13
N GLY A 174 7.12 22.67 11.80
CA GLY A 174 6.56 23.44 12.91
C GLY A 174 6.11 24.85 12.57
N GLY A 175 5.67 25.07 11.33
CA GLY A 175 5.20 26.39 10.89
C GLY A 175 6.25 27.40 10.46
N LYS A 176 7.51 26.96 10.33
CA LYS A 176 8.58 27.88 9.93
C LYS A 176 8.60 27.91 8.41
N GLN A 177 8.46 29.11 7.84
CA GLN A 177 8.57 29.29 6.39
C GLN A 177 9.90 28.74 5.85
N ILE A 178 9.84 28.03 4.73
CA ILE A 178 11.03 27.44 4.14
CA ILE A 178 11.02 27.43 4.16
C ILE A 178 12.01 28.52 3.72
N ASP A 179 13.28 28.36 4.09
CA ASP A 179 14.32 29.33 3.82
C ASP A 179 14.71 29.40 2.33
N ILE A 180 14.96 28.23 1.74
CA ILE A 180 15.53 28.17 0.41
C ILE A 180 14.56 27.38 -0.47
N SER A 181 14.05 28.04 -1.51
CA SER A 181 13.05 27.41 -2.39
CA SER A 181 13.02 27.45 -2.38
C SER A 181 13.32 27.75 -3.84
N VAL A 182 12.73 26.96 -4.74
CA VAL A 182 12.98 27.15 -6.14
C VAL A 182 11.71 27.06 -6.96
N THR A 183 10.56 27.21 -6.32
CA THR A 183 9.28 27.10 -6.99
C THR A 183 9.21 27.99 -8.24
N ASP A 184 9.52 29.26 -8.09
CA ASP A 184 9.34 30.15 -9.21
C ASP A 184 10.35 29.86 -10.35
N PHE A 185 11.55 29.41 -10.00
CA PHE A 185 12.56 28.95 -10.95
C PHE A 185 12.04 27.75 -11.79
N ILE A 186 11.44 26.80 -11.09
CA ILE A 186 10.89 25.61 -11.75
C ILE A 186 9.82 26.05 -12.74
N LEU A 187 8.85 26.87 -12.30
CA LEU A 187 7.78 27.27 -13.22
C LEU A 187 8.35 28.01 -14.45
N ALA A 188 9.33 28.88 -14.22
CA ALA A 188 9.91 29.68 -15.29
C ALA A 188 10.78 28.92 -16.25
N ASN A 189 11.36 27.81 -15.82
CA ASN A 189 12.32 27.12 -16.65
C ASN A 189 11.90 25.70 -17.09
N CYS A 190 10.80 25.20 -16.55
CA CYS A 190 10.48 23.75 -16.71
C CYS A 190 10.26 23.34 -18.17
N ARG A 191 9.75 24.26 -19.00
CA ARG A 191 9.51 23.92 -20.42
C ARG A 191 10.72 24.01 -21.32
N GLN A 192 11.77 24.71 -20.87
CA GLN A 192 13.00 24.91 -21.61
C GLN A 192 14.10 23.91 -21.22
N LYS A 193 14.04 23.44 -19.98
CA LYS A 193 15.11 22.63 -19.42
C LYS A 193 14.48 21.52 -18.62
N ARG A 194 15.04 20.31 -18.73
CA ARG A 194 14.54 19.19 -17.96
C ARG A 194 15.00 19.29 -16.52
N LEU A 195 14.06 19.57 -15.63
CA LEU A 195 14.42 19.84 -14.24
C LEU A 195 14.21 18.63 -13.32
N PHE A 196 13.44 17.63 -13.77
CA PHE A 196 13.17 16.41 -12.97
C PHE A 196 13.21 15.20 -13.85
N TYR A 197 13.85 14.15 -13.34
CA TYR A 197 13.81 12.82 -13.99
C TYR A 197 12.61 12.01 -13.54
N THR A 198 12.20 12.19 -12.29
CA THR A 198 10.96 11.63 -11.78
C THR A 198 10.36 12.73 -10.90
N MET A 199 9.16 12.54 -10.42
CA MET A 199 8.49 13.59 -9.63
CA MET A 199 8.54 13.64 -9.66
C MET A 199 9.32 14.04 -8.41
N ASN A 200 10.12 13.14 -7.84
CA ASN A 200 10.92 13.55 -6.69
C ASN A 200 12.43 13.43 -6.86
N HIS A 201 12.90 13.34 -8.12
CA HIS A 201 14.34 13.26 -8.43
C HIS A 201 14.74 14.39 -9.38
N PRO A 202 15.11 15.57 -8.82
CA PRO A 202 15.66 16.64 -9.63
C PRO A 202 16.86 16.22 -10.48
N THR A 203 16.96 16.78 -11.65
CA THR A 203 18.17 16.64 -12.47
C THR A 203 19.30 17.53 -11.95
N ALA A 204 20.47 17.32 -12.54
CA ALA A 204 21.67 18.10 -12.15
C ALA A 204 21.39 19.58 -12.25
N ALA A 205 20.75 19.99 -13.33
CA ALA A 205 20.42 21.42 -13.53
C ALA A 205 19.69 22.03 -12.31
N LEU A 206 18.65 21.34 -11.81
CA LEU A 206 17.93 21.80 -10.67
C LEU A 206 18.76 21.73 -9.41
N MET A 207 19.55 20.66 -9.26
CA MET A 207 20.38 20.53 -8.08
C MET A 207 21.41 21.63 -8.03
N ARG A 208 21.97 22.00 -9.16
CA ARG A 208 22.94 23.11 -9.15
C ARG A 208 22.26 24.38 -8.74
N GLU A 209 21.03 24.62 -9.22
CA GLU A 209 20.33 25.85 -8.78
C GLU A 209 20.03 25.87 -7.29
N ILE A 210 19.51 24.78 -6.70
CA ILE A 210 19.24 24.78 -5.26
CA ILE A 210 19.27 24.69 -5.26
C ILE A 210 20.56 24.91 -4.48
N ALA A 211 21.64 24.26 -4.94
CA ALA A 211 22.93 24.38 -4.22
C ALA A 211 23.44 25.84 -4.29
N ALA A 212 23.28 26.49 -5.44
CA ALA A 212 23.69 27.94 -5.54
C ALA A 212 22.90 28.81 -4.57
N ARG A 213 21.60 28.55 -4.45
CA ARG A 213 20.76 29.31 -3.55
CA ARG A 213 20.76 29.33 -3.56
C ARG A 213 21.15 29.07 -2.11
N CYS A 214 21.63 27.86 -1.79
CA CYS A 214 22.14 27.64 -0.42
C CYS A 214 23.40 28.50 -0.22
N MET A 215 24.27 28.54 -1.21
CA MET A 215 25.53 29.32 -1.05
C MET A 215 25.15 30.78 -0.97
N LEU A 216 24.17 31.23 -1.76
CA LEU A 216 23.75 32.66 -1.63
C LEU A 216 23.21 32.94 -0.23
N ALA A 217 22.43 32.01 0.34
CA ALA A 217 21.88 32.20 1.67
C ALA A 217 22.98 32.25 2.75
N LEU A 218 24.14 31.66 2.47
CA LEU A 218 25.24 31.65 3.45
C LEU A 218 26.12 32.89 3.27
N GLY A 219 25.79 33.75 2.30
CA GLY A 219 26.56 34.98 2.09
C GLY A 219 27.69 34.93 1.09
N TYR A 220 27.81 33.83 0.32
CA TYR A 220 28.80 33.78 -0.67
C TYR A 220 28.51 34.75 -1.80
N THR A 221 29.56 35.32 -2.34
CA THR A 221 29.45 36.13 -3.55
C THR A 221 29.20 35.26 -4.80
N TYR A 222 28.37 35.77 -5.71
CA TYR A 222 28.17 35.13 -7.02
C TYR A 222 29.46 34.53 -7.65
N SER A 223 30.61 35.20 -7.50
CA SER A 223 31.84 34.81 -8.21
C SER A 223 32.51 33.56 -7.58
N ASP A 224 32.03 33.16 -6.41
CA ASP A 224 32.54 31.96 -5.70
C ASP A 224 31.78 30.69 -6.09
N ILE A 225 30.60 30.85 -6.72
CA ILE A 225 29.66 29.73 -6.90
C ILE A 225 29.87 28.98 -8.22
N SER A 226 30.34 27.72 -8.13
CA SER A 226 30.40 26.84 -9.30
C SER A 226 30.45 25.39 -8.83
N PHE A 227 30.00 24.48 -9.67
CA PHE A 227 29.83 23.09 -9.26
C PHE A 227 30.39 22.19 -10.34
N ASP A 228 30.65 20.94 -9.99
CA ASP A 228 31.05 19.96 -10.96
C ASP A 228 29.85 19.61 -11.87
N GLN A 229 29.97 19.96 -13.14
CA GLN A 229 28.88 19.79 -14.13
C GLN A 229 28.64 18.33 -14.46
N ASN A 230 29.60 17.47 -14.16
CA ASN A 230 29.44 16.03 -14.43
C ASN A 230 28.61 15.29 -13.39
N LEU A 231 28.32 15.93 -12.26
CA LEU A 231 27.57 15.29 -11.18
C LEU A 231 26.08 15.31 -11.50
N ASP A 232 25.40 14.19 -11.29
CA ASP A 232 23.97 14.09 -11.54
C ASP A 232 23.43 13.04 -10.53
N PRO A 233 23.27 13.45 -9.27
CA PRO A 233 23.12 12.50 -8.20
C PRO A 233 21.86 11.66 -8.16
N LEU A 234 20.77 12.15 -8.76
CA LEU A 234 19.50 11.47 -8.66
C LEU A 234 19.05 10.98 -10.04
N ASP A 235 20.00 10.47 -10.82
CA ASP A 235 19.75 10.00 -12.14
C ASP A 235 19.44 8.48 -12.32
N VAL A 236 19.14 7.77 -11.23
CA VAL A 236 18.92 6.30 -11.36
C VAL A 236 17.78 5.95 -12.36
N THR A 237 16.67 6.68 -12.24
CA THR A 237 15.47 6.34 -12.99
C THR A 237 14.98 7.59 -13.73
N LYS A 238 14.64 7.42 -15.01
CA LYS A 238 14.28 8.56 -15.87
C LYS A 238 12.98 8.20 -16.58
N MET A 239 11.92 8.89 -16.21
CA MET A 239 10.61 8.65 -16.81
C MET A 239 10.53 9.34 -18.14
N SER A 240 9.77 8.75 -19.04
CA SER A 240 9.63 9.28 -20.40
CA SER A 240 9.64 9.31 -20.39
C SER A 240 8.36 10.11 -20.53
N LEU A 241 8.43 11.23 -21.24
CA LEU A 241 7.18 12.04 -21.42
C LEU A 241 6.34 11.47 -22.56
N TYR A 242 5.01 11.53 -22.37
CA TYR A 242 4.10 10.95 -23.35
C TYR A 242 4.16 11.71 -24.68
N PRO A 243 3.78 11.04 -25.76
CA PRO A 243 3.74 11.71 -27.07
C PRO A 243 2.78 12.90 -27.00
N ILE A 244 3.01 13.88 -27.87
CA ILE A 244 2.21 15.12 -27.95
CA ILE A 244 2.24 15.14 -27.95
C ILE A 244 2.49 16.07 -26.77
N TYR A 245 2.25 15.60 -25.54
CA TYR A 245 2.60 16.37 -24.38
C TYR A 245 4.09 16.74 -24.39
N ARG A 246 4.93 15.80 -24.78
CA ARG A 246 6.38 16.07 -24.79
CA ARG A 246 6.37 16.10 -24.75
C ARG A 246 6.76 17.24 -25.71
N ASP A 247 5.95 17.50 -26.70
CA ASP A 247 6.32 18.54 -27.67
C ASP A 247 6.13 19.95 -27.10
N CYS A 248 5.54 20.09 -25.91
CA CYS A 248 5.49 21.38 -25.14
C CYS A 248 6.86 21.75 -24.59
N PHE A 249 7.80 20.82 -24.64
CA PHE A 249 9.11 20.98 -23.98
C PHE A 249 10.23 21.11 -24.98
N ASP A 250 11.17 22.04 -24.77
CA ASP A 250 12.20 22.31 -25.78
C ASP A 250 13.16 21.16 -26.02
N PHE A 251 13.39 20.34 -25.00
CA PHE A 251 14.38 19.26 -25.03
C PHE A 251 13.91 17.96 -25.67
N SER A 252 12.66 17.92 -26.14
CA SER A 252 12.03 16.75 -26.75
CA SER A 252 12.12 16.71 -26.72
C SER A 252 12.58 16.43 -28.15
N GLU A 253 12.60 15.14 -28.50
CA GLU A 253 13.16 14.66 -29.77
CA GLU A 253 13.15 14.70 -29.79
C GLU A 253 12.10 14.17 -30.76
N LEU A 254 12.54 13.73 -31.94
CA LEU A 254 11.59 13.45 -33.01
CA LEU A 254 11.72 13.42 -33.10
C LEU A 254 11.16 11.98 -33.15
N ASN A 255 11.29 11.24 -32.04
CA ASN A 255 10.79 9.85 -31.97
CA ASN A 255 10.82 9.86 -31.91
C ASN A 255 9.40 9.85 -31.33
N ARG A 256 8.78 8.68 -31.21
CA ARG A 256 7.42 8.63 -30.68
C ARG A 256 7.42 8.93 -29.19
N MET A 257 8.26 8.20 -28.48
CA MET A 257 8.37 8.34 -27.03
C MET A 257 9.74 7.82 -26.68
N ASN A 258 10.44 8.52 -25.80
CA ASN A 258 11.79 8.08 -25.44
C ASN A 258 11.75 6.78 -24.61
N GLU A 259 12.83 6.03 -24.71
CA GLU A 259 13.07 4.90 -23.82
CA GLU A 259 13.02 4.90 -23.83
C GLU A 259 13.01 5.36 -22.38
N TYR A 260 12.52 4.49 -21.51
CA TYR A 260 12.62 4.71 -20.05
C TYR A 260 13.97 4.26 -19.53
N GLN A 261 14.46 4.90 -18.47
CA GLN A 261 15.58 4.31 -17.70
C GLN A 261 15.04 3.91 -16.35
N VAL A 262 15.26 2.66 -15.94
CA VAL A 262 14.83 2.22 -14.63
C VAL A 262 16.01 1.48 -14.00
N LEU A 263 16.42 1.94 -12.83
CA LEU A 263 17.56 1.32 -12.12
C LEU A 263 18.77 1.26 -13.06
N TYR A 264 19.01 2.37 -13.76
CA TYR A 264 20.12 2.53 -14.70
C TYR A 264 20.10 1.64 -15.94
N LYS A 265 18.97 0.94 -16.17
CA LYS A 265 18.82 0.11 -17.36
C LYS A 265 17.79 0.74 -18.31
N LYS A 266 18.04 0.71 -19.60
CA LYS A 266 17.10 1.26 -20.56
C LYS A 266 16.05 0.24 -20.98
N LYS A 267 14.80 0.68 -21.10
CA LYS A 267 13.77 -0.17 -21.67
C LYS A 267 12.91 0.66 -22.61
N ALA A 268 12.67 0.17 -23.83
CA ALA A 268 11.85 0.88 -24.77
C ALA A 268 10.41 1.05 -24.27
N TYR A 269 9.75 2.10 -24.76
CA TYR A 269 8.48 2.48 -24.18
C TYR A 269 7.43 1.33 -24.26
N GLU A 270 7.43 0.56 -25.35
CA GLU A 270 6.37 -0.43 -25.51
C GLU A 270 6.56 -1.57 -24.49
N PRO A 271 7.75 -2.21 -24.42
CA PRO A 271 7.87 -3.25 -23.38
C PRO A 271 7.76 -2.69 -21.95
N TYR A 272 8.19 -1.44 -21.72
CA TYR A 272 8.00 -0.85 -20.41
C TYR A 272 6.52 -0.75 -20.02
N LEU A 273 5.71 -0.24 -20.91
CA LEU A 273 4.29 -0.01 -20.58
C LEU A 273 3.58 -1.36 -20.53
N LEU A 274 3.98 -2.32 -21.36
CA LEU A 274 3.42 -3.70 -21.26
C LEU A 274 3.73 -4.30 -19.90
N GLU A 275 4.96 -4.13 -19.41
CA GLU A 275 5.26 -4.61 -18.05
C GLU A 275 4.45 -3.94 -16.94
N GLN A 276 4.12 -2.65 -17.11
CA GLN A 276 3.26 -1.96 -16.16
C GLN A 276 1.86 -2.59 -16.13
N PHE A 277 1.28 -2.82 -17.31
CA PHE A 277 0.03 -3.54 -17.39
C PHE A 277 0.11 -4.88 -16.67
N GLU A 278 1.15 -5.65 -16.95
CA GLU A 278 1.24 -6.99 -16.35
CA GLU A 278 1.29 -6.99 -16.36
C GLU A 278 1.38 -6.92 -14.83
N TRP A 279 2.08 -5.90 -14.33
CA TRP A 279 2.31 -5.73 -12.92
C TRP A 279 0.98 -5.42 -12.23
N PHE A 280 0.18 -4.53 -12.80
CA PHE A 280 -1.11 -4.16 -12.20
C PHE A 280 -2.08 -5.33 -12.24
N GLU A 281 -2.00 -6.12 -13.30
CA GLU A 281 -2.85 -7.31 -13.46
CA GLU A 281 -2.87 -7.29 -13.45
C GLU A 281 -2.54 -8.38 -12.43
N ARG A 282 -1.37 -8.31 -11.79
CA ARG A 282 -1.04 -9.24 -10.70
CA ARG A 282 -1.01 -9.22 -10.68
C ARG A 282 -1.85 -9.01 -9.42
N SER A 283 -2.33 -7.78 -9.22
CA SER A 283 -2.99 -7.37 -7.98
C SER A 283 -4.48 -7.52 -8.14
N PRO A 284 -5.22 -7.58 -7.02
CA PRO A 284 -6.67 -7.61 -7.18
C PRO A 284 -7.17 -6.31 -7.79
N LYS A 285 -8.14 -6.44 -8.70
CA LYS A 285 -8.66 -5.27 -9.42
C LYS A 285 -9.25 -4.23 -8.44
N ALA A 286 -9.94 -4.67 -7.37
CA ALA A 286 -10.43 -3.75 -6.39
C ALA A 286 -9.32 -2.89 -5.77
N ASP A 287 -8.11 -3.48 -5.58
CA ASP A 287 -7.03 -2.76 -4.92
C ASP A 287 -6.38 -1.78 -5.92
N VAL A 288 -6.33 -2.21 -7.17
CA VAL A 288 -5.85 -1.32 -8.26
C VAL A 288 -6.80 -0.13 -8.39
N SER A 289 -8.10 -0.39 -8.27
CA SER A 289 -9.08 0.66 -8.32
C SER A 289 -9.00 1.66 -7.17
N ALA A 290 -8.79 1.15 -5.95
CA ALA A 290 -8.59 2.02 -4.81
C ALA A 290 -7.35 2.89 -4.99
N PHE A 291 -6.27 2.32 -5.56
CA PHE A 291 -5.07 3.07 -5.84
C PHE A 291 -5.37 4.20 -6.85
N PHE A 292 -6.01 3.85 -7.96
CA PHE A 292 -6.28 4.85 -9.02
C PHE A 292 -7.17 5.96 -8.42
N ASP A 293 -8.16 5.59 -7.61
CA ASP A 293 -9.05 6.63 -7.02
C ASP A 293 -8.28 7.59 -6.10
N ARG A 294 -7.32 7.05 -5.32
CA ARG A 294 -6.47 7.88 -4.45
CA ARG A 294 -6.48 7.90 -4.45
C ARG A 294 -5.64 8.88 -5.27
N VAL A 295 -5.07 8.42 -6.39
CA VAL A 295 -4.20 9.27 -7.21
C VAL A 295 -5.05 10.34 -7.92
N ALA A 296 -6.17 9.89 -8.45
CA ALA A 296 -7.02 10.72 -9.25
C ALA A 296 -7.76 11.80 -8.46
N ALA A 297 -7.92 11.60 -7.15
CA ALA A 297 -8.83 12.47 -6.39
C ALA A 297 -8.45 13.92 -6.48
N ASN A 298 -7.16 14.21 -6.52
CA ASN A 298 -6.68 15.61 -6.61
C ASN A 298 -5.97 15.92 -7.92
N ARG A 299 -6.16 15.05 -8.90
CA ARG A 299 -5.51 15.20 -10.21
C ARG A 299 -6.56 14.96 -11.30
N ARG A 300 -7.44 15.94 -11.51
CA ARG A 300 -8.54 15.65 -12.43
C ARG A 300 -8.12 15.40 -13.86
N TRP A 301 -6.94 15.89 -14.26
CA TRP A 301 -6.44 15.61 -15.61
C TRP A 301 -6.23 14.14 -15.87
N VAL A 302 -5.97 13.36 -14.82
CA VAL A 302 -5.77 11.92 -15.02
C VAL A 302 -7.11 11.24 -15.35
N ARG A 303 -8.18 11.53 -14.62
CA ARG A 303 -9.46 10.93 -14.98
CA ARG A 303 -9.49 10.99 -14.96
C ARG A 303 -9.95 11.49 -16.32
N THR A 304 -9.70 12.76 -16.56
CA THR A 304 -10.04 13.36 -17.88
C THR A 304 -9.33 12.67 -19.05
N ALA A 305 -8.05 12.38 -18.90
CA ALA A 305 -7.32 11.70 -19.96
C ALA A 305 -7.87 10.29 -20.23
N LEU A 306 -8.20 9.56 -19.15
CA LEU A 306 -8.77 8.26 -19.30
C LEU A 306 -10.13 8.33 -20.05
N ARG A 307 -10.93 9.33 -19.71
CA ARG A 307 -12.26 9.51 -20.31
CA ARG A 307 -12.25 9.52 -20.30
C ARG A 307 -12.13 9.87 -21.77
N ARG A 308 -11.32 10.87 -22.08
CA ARG A 308 -11.16 11.32 -23.46
C ARG A 308 -10.55 10.26 -24.38
N ALA A 309 -9.66 9.43 -23.85
CA ALA A 309 -9.07 8.37 -24.64
C ALA A 309 -9.92 7.13 -24.77
N PHE A 310 -10.60 6.70 -23.71
CA PHE A 310 -11.12 5.32 -23.67
C PHE A 310 -12.63 5.10 -23.48
N GLU A 311 -13.30 6.01 -22.76
CA GLU A 311 -14.73 5.81 -22.48
C GLU A 311 -15.56 5.93 -23.76
N SER A 312 -16.48 5.15 -23.98
N ALA B 3 -15.34 -25.24 -31.20
CA ALA B 3 -15.90 -24.54 -30.01
C ALA B 3 -14.75 -24.17 -29.08
N GLN B 4 -15.04 -23.92 -27.80
CA GLN B 4 -13.99 -23.58 -26.83
C GLN B 4 -14.26 -24.14 -25.42
N ARG B 5 -13.74 -23.45 -24.43
CA ARG B 5 -13.80 -23.91 -23.03
C ARG B 5 -15.17 -23.63 -22.42
N LYS B 6 -15.47 -24.26 -21.29
CA LYS B 6 -16.70 -23.95 -20.59
C LYS B 6 -16.46 -22.64 -19.82
N LYS B 7 -17.53 -21.95 -19.47
CA LYS B 7 -17.43 -20.65 -18.81
CA LYS B 7 -17.43 -20.65 -18.81
C LYS B 7 -17.76 -20.78 -17.32
N TYR B 8 -16.91 -20.19 -16.49
CA TYR B 8 -17.23 -20.10 -15.07
C TYR B 8 -16.96 -18.72 -14.54
N SER B 9 -17.59 -18.43 -13.41
CA SER B 9 -17.26 -17.24 -12.65
CA SER B 9 -17.36 -17.21 -12.64
C SER B 9 -17.18 -17.62 -11.18
N VAL B 10 -16.55 -16.75 -10.40
CA VAL B 10 -16.42 -16.94 -8.96
C VAL B 10 -16.84 -15.65 -8.26
N TYR B 11 -17.86 -15.77 -7.45
CA TYR B 11 -18.45 -14.62 -6.78
C TYR B 11 -18.38 -14.81 -5.28
N GLY B 12 -18.01 -13.78 -4.56
CA GLY B 12 -18.08 -13.86 -3.10
C GLY B 12 -17.28 -12.74 -2.53
N SER B 13 -16.54 -13.08 -1.50
CA SER B 13 -15.68 -12.08 -0.83
C SER B 13 -14.42 -11.84 -1.63
N CYS B 14 -13.45 -11.14 -1.03
CA CYS B 14 -12.14 -11.03 -1.65
C CYS B 14 -11.48 -12.37 -1.93
N GLN B 15 -11.95 -13.43 -1.26
CA GLN B 15 -11.42 -14.73 -1.53
C GLN B 15 -11.82 -15.29 -2.89
N ALA B 16 -12.94 -14.81 -3.44
CA ALA B 16 -13.44 -15.31 -4.73
C ALA B 16 -12.52 -14.99 -5.92
N PRO B 17 -12.09 -13.72 -6.10
CA PRO B 17 -11.11 -13.53 -7.17
C PRO B 17 -9.79 -14.26 -6.94
N ALA B 18 -9.39 -14.42 -5.67
CA ALA B 18 -8.15 -15.13 -5.35
C ALA B 18 -8.30 -16.61 -5.73
N LEU B 19 -9.48 -17.19 -5.47
CA LEU B 19 -9.72 -18.55 -5.89
C LEU B 19 -9.69 -18.74 -7.42
N ALA B 20 -10.27 -17.78 -8.12
CA ALA B 20 -10.27 -17.81 -9.58
C ALA B 20 -8.82 -17.76 -10.07
N LYS B 21 -8.01 -16.85 -9.50
CA LYS B 21 -6.59 -16.79 -9.89
CA LYS B 21 -6.59 -16.79 -9.87
C LYS B 21 -5.90 -18.13 -9.65
N MET B 22 -6.18 -18.78 -8.52
CA MET B 22 -5.50 -20.01 -8.19
C MET B 22 -5.91 -21.11 -9.16
N LEU B 23 -7.21 -21.23 -9.42
CA LEU B 23 -7.72 -22.25 -10.35
C LEU B 23 -7.16 -22.06 -11.76
N ASN B 24 -7.13 -20.81 -12.23
CA ASN B 24 -6.56 -20.49 -13.53
C ASN B 24 -5.11 -20.90 -13.66
N SER B 25 -4.44 -21.06 -12.53
CA SER B 25 -3.00 -21.36 -12.52
C SER B 25 -2.72 -22.85 -12.68
N CYS B 26 -3.76 -23.67 -12.63
CA CYS B 26 -3.66 -25.11 -12.88
C CYS B 26 -3.86 -25.38 -14.37
N PRO B 27 -2.85 -25.97 -15.05
CA PRO B 27 -2.99 -26.10 -16.50
C PRO B 27 -4.14 -27.03 -16.92
N THR B 28 -4.43 -28.06 -16.13
CA THR B 28 -5.51 -28.96 -16.48
C THR B 28 -6.85 -28.24 -16.35
N PHE B 29 -7.00 -27.41 -15.33
CA PHE B 29 -8.22 -26.63 -15.18
C PHE B 29 -8.37 -25.62 -16.33
N ALA B 30 -7.29 -24.88 -16.60
CA ALA B 30 -7.30 -23.80 -17.56
C ALA B 30 -7.54 -24.34 -18.99
N ARG B 31 -7.22 -25.61 -19.22
CA ARG B 31 -7.48 -26.27 -20.52
C ARG B 31 -9.00 -26.39 -20.77
N ASP B 32 -9.78 -26.58 -19.71
CA ASP B 32 -11.24 -26.79 -19.80
C ASP B 32 -12.13 -25.58 -19.50
N TRP B 33 -11.58 -24.57 -18.84
CA TRP B 33 -12.41 -23.50 -18.29
C TRP B 33 -11.88 -22.11 -18.55
N GLU B 34 -12.82 -21.23 -18.88
CA GLU B 34 -12.54 -19.82 -19.11
CA GLU B 34 -12.52 -19.82 -19.09
C GLU B 34 -13.29 -18.97 -18.08
N LEU B 35 -12.54 -18.13 -17.39
CA LEU B 35 -13.11 -17.24 -16.40
C LEU B 35 -13.82 -16.06 -17.03
N VAL B 36 -15.04 -15.80 -16.56
CA VAL B 36 -15.73 -14.55 -16.81
C VAL B 36 -15.80 -13.85 -15.44
N GLU B 37 -15.08 -12.76 -15.27
CA GLU B 37 -14.90 -12.19 -13.92
C GLU B 37 -16.14 -11.47 -13.43
N MET B 38 -16.43 -11.66 -12.13
CA MET B 38 -17.40 -10.88 -11.40
C MET B 38 -16.72 -10.16 -10.26
N GLU B 39 -17.08 -8.89 -10.05
CA GLU B 39 -16.53 -8.11 -8.95
C GLU B 39 -17.07 -8.74 -7.66
N PRO B 40 -16.25 -8.74 -6.60
CA PRO B 40 -16.74 -9.34 -5.36
C PRO B 40 -17.85 -8.53 -4.72
N CYS B 41 -18.47 -9.14 -3.72
CA CYS B 41 -19.69 -8.56 -3.13
C CYS B 41 -19.51 -7.22 -2.43
N PHE B 42 -18.30 -6.93 -1.96
CA PHE B 42 -18.06 -5.72 -1.19
C PHE B 42 -17.78 -4.53 -2.11
N VAL B 43 -17.51 -4.80 -3.38
CA VAL B 43 -17.19 -3.69 -4.30
CA VAL B 43 -17.15 -3.73 -4.32
C VAL B 43 -18.10 -3.54 -5.50
N ALA B 44 -18.80 -4.60 -5.92
CA ALA B 44 -19.65 -4.50 -7.07
C ALA B 44 -20.64 -3.34 -6.95
N SER B 45 -20.76 -2.56 -8.03
CA SER B 45 -21.72 -1.48 -8.04
C SER B 45 -23.06 -2.06 -8.42
N GLU B 46 -24.12 -1.29 -8.18
CA GLU B 46 -25.45 -1.68 -8.66
C GLU B 46 -25.48 -1.94 -10.17
N GLU B 47 -24.85 -1.05 -10.94
CA GLU B 47 -24.75 -1.21 -12.39
C GLU B 47 -24.06 -2.53 -12.76
N GLN B 48 -23.00 -2.86 -12.05
CA GLN B 48 -22.23 -4.08 -12.33
C GLN B 48 -23.02 -5.33 -12.00
N ILE B 49 -23.64 -5.32 -10.82
CA ILE B 49 -24.36 -6.53 -10.42
C ILE B 49 -25.59 -6.78 -11.28
N ASP B 50 -26.26 -5.70 -11.70
CA ASP B 50 -27.38 -5.79 -12.65
C ASP B 50 -26.94 -6.42 -13.97
N ARG B 51 -25.79 -5.99 -14.46
CA ARG B 51 -25.30 -6.51 -15.75
CA ARG B 51 -25.23 -6.48 -15.73
C ARG B 51 -24.88 -7.96 -15.61
N HIS B 52 -24.27 -8.33 -14.48
CA HIS B 52 -23.95 -9.74 -14.30
C HIS B 52 -25.18 -10.64 -14.27
N LEU B 53 -26.26 -10.16 -13.62
CA LEU B 53 -27.50 -10.93 -13.60
C LEU B 53 -28.04 -11.18 -15.01
N ALA B 54 -27.90 -10.17 -15.89
CA ALA B 54 -28.47 -10.23 -17.23
C ALA B 54 -27.54 -10.89 -18.23
N GLU B 55 -26.25 -10.55 -18.17
CA GLU B 55 -25.30 -10.89 -19.25
C GLU B 55 -24.31 -12.00 -18.90
N THR B 56 -23.93 -12.12 -17.62
CA THR B 56 -22.89 -13.07 -17.24
C THR B 56 -23.50 -14.39 -16.78
N ILE B 57 -24.28 -14.33 -15.72
CA ILE B 57 -24.74 -15.55 -15.08
C ILE B 57 -25.55 -16.46 -16.02
N PRO B 58 -26.43 -15.88 -16.87
CA PRO B 58 -27.16 -16.80 -17.76
C PRO B 58 -26.31 -17.53 -18.79
N LYS B 59 -25.06 -17.10 -18.99
CA LYS B 59 -24.12 -17.76 -19.92
C LYS B 59 -23.16 -18.76 -19.22
N LEU B 60 -23.30 -18.93 -17.91
CA LEU B 60 -22.32 -19.77 -17.23
C LEU B 60 -22.65 -21.26 -17.25
N ASP B 61 -21.59 -22.05 -17.43
CA ASP B 61 -21.60 -23.47 -17.15
C ASP B 61 -21.41 -23.72 -15.64
N LEU B 62 -20.61 -22.89 -14.98
CA LEU B 62 -20.27 -23.13 -13.54
C LEU B 62 -20.26 -21.80 -12.83
N PHE B 63 -20.96 -21.73 -11.71
CA PHE B 63 -20.96 -20.52 -10.86
C PHE B 63 -20.41 -20.99 -9.52
N LEU B 64 -19.15 -20.65 -9.24
CA LEU B 64 -18.55 -20.99 -7.93
CA LEU B 64 -18.52 -20.99 -7.96
C LEU B 64 -18.76 -19.79 -7.07
N TYR B 65 -19.34 -19.96 -5.90
CA TYR B 65 -19.66 -18.73 -5.15
C TYR B 65 -19.59 -19.00 -3.64
N GLN B 66 -19.38 -17.93 -2.88
CA GLN B 66 -19.47 -18.01 -1.46
C GLN B 66 -20.83 -17.48 -1.03
N PRO B 67 -21.36 -17.97 0.09
CA PRO B 67 -22.62 -17.43 0.55
C PRO B 67 -22.58 -15.91 0.78
N VAL B 68 -23.60 -15.20 0.33
CA VAL B 68 -23.74 -13.77 0.61
C VAL B 68 -25.19 -13.56 0.94
N SER B 69 -25.46 -13.16 2.19
CA SER B 69 -26.83 -12.95 2.68
CA SER B 69 -26.81 -12.96 2.68
C SER B 69 -27.51 -11.78 2.00
N GLU B 70 -28.84 -11.82 1.99
CA GLU B 70 -29.66 -10.71 1.51
C GLU B 70 -29.45 -9.47 2.39
N GLY B 71 -29.19 -9.71 3.66
CA GLY B 71 -29.00 -8.65 4.63
C GLY B 71 -27.73 -7.85 4.47
N TYR B 72 -26.78 -8.38 3.69
CA TYR B 72 -25.47 -7.73 3.56
C TYR B 72 -25.60 -6.36 2.87
N ARG B 73 -26.07 -6.38 1.62
CA ARG B 73 -26.20 -5.15 0.82
C ARG B 73 -27.55 -5.09 0.07
N GLY B 74 -28.35 -6.14 0.22
CA GLY B 74 -29.66 -6.24 -0.48
C GLY B 74 -29.73 -7.47 -1.35
N GLU B 75 -30.95 -7.79 -1.81
CA GLU B 75 -31.20 -8.97 -2.61
C GLU B 75 -30.27 -9.09 -3.83
N LYS B 76 -30.00 -7.97 -4.51
CA LYS B 76 -29.27 -8.03 -5.78
C LYS B 76 -27.91 -8.67 -5.62
N TYR B 77 -27.32 -8.58 -4.42
CA TYR B 77 -25.94 -9.00 -4.17
C TYR B 77 -25.89 -10.37 -3.50
N SER B 78 -27.06 -10.90 -3.18
CA SER B 78 -27.15 -12.15 -2.44
C SER B 78 -26.89 -13.35 -3.35
N SER B 79 -26.25 -14.38 -2.79
CA SER B 79 -25.93 -15.58 -3.56
C SER B 79 -27.20 -16.31 -4.00
N VAL B 80 -28.23 -16.31 -3.13
CA VAL B 80 -29.54 -16.92 -3.49
C VAL B 80 -30.10 -16.32 -4.79
N PHE B 81 -30.08 -14.99 -4.89
CA PHE B 81 -30.67 -14.28 -6.02
C PHE B 81 -29.84 -14.50 -7.27
N LEU B 82 -28.52 -14.41 -7.13
CA LEU B 82 -27.62 -14.56 -8.29
C LEU B 82 -27.66 -15.99 -8.82
N ARG B 83 -27.65 -17.01 -7.97
CA ARG B 83 -27.62 -18.37 -8.51
C ARG B 83 -28.96 -18.76 -9.13
N ASN B 84 -30.02 -18.07 -8.72
CA ASN B 84 -31.36 -18.29 -9.30
C ASN B 84 -31.40 -18.00 -10.81
N SER B 85 -30.42 -17.22 -11.29
CA SER B 85 -30.37 -16.84 -12.71
C SER B 85 -29.51 -17.71 -13.63
N MET B 86 -28.96 -18.80 -13.07
CA MET B 86 -28.16 -19.76 -13.84
CA MET B 86 -28.16 -19.74 -13.86
C MET B 86 -29.02 -20.46 -14.89
N PRO B 87 -28.40 -20.87 -16.01
CA PRO B 87 -29.21 -21.57 -17.00
C PRO B 87 -29.52 -23.00 -16.55
N PRO B 88 -30.49 -23.67 -17.21
N PRO B 88 -30.59 -23.61 -17.12
CA PRO B 88 -30.92 -25.04 -16.86
CA PRO B 88 -30.79 -25.04 -16.93
C PRO B 88 -29.77 -26.04 -16.66
C PRO B 88 -29.68 -25.78 -17.67
N GLY B 89 -28.85 -26.13 -17.61
N GLY B 89 -28.91 -26.58 -16.94
CA GLY B 89 -27.77 -27.13 -17.55
CA GLY B 89 -27.72 -27.20 -17.51
C GLY B 89 -26.57 -26.75 -16.70
C GLY B 89 -26.44 -26.57 -16.97
N GLY B 90 -26.60 -25.55 -16.13
CA GLY B 90 -25.47 -24.99 -15.36
C GLY B 90 -25.40 -25.54 -13.94
N ASN B 91 -24.21 -25.41 -13.34
CA ASN B 91 -23.92 -25.96 -12.01
C ASN B 91 -23.50 -24.81 -11.10
N ALA B 92 -24.17 -24.69 -9.96
CA ALA B 92 -23.79 -23.68 -8.93
C ALA B 92 -23.26 -24.41 -7.68
N LEU B 93 -21.99 -24.17 -7.34
CA LEU B 93 -21.35 -24.86 -6.23
C LEU B 93 -20.94 -23.80 -5.23
N SER B 94 -21.39 -23.95 -3.99
CA SER B 94 -21.00 -23.02 -2.91
C SER B 94 -19.67 -23.45 -2.29
N VAL B 95 -18.87 -22.45 -2.01
CA VAL B 95 -17.55 -22.57 -1.41
C VAL B 95 -17.53 -21.84 -0.11
N GLN B 96 -16.93 -22.50 0.89
CA GLN B 96 -16.80 -21.95 2.22
C GLN B 96 -16.18 -20.54 2.22
N TYR B 97 -16.78 -19.64 2.99
CA TYR B 97 -16.18 -18.39 3.36
C TYR B 97 -15.23 -18.67 4.51
N MET B 98 -13.95 -18.46 4.26
CA MET B 98 -12.91 -18.85 5.23
CA MET B 98 -12.86 -18.81 5.16
C MET B 98 -12.66 -17.74 6.22
N HIS B 99 -12.92 -18.05 7.49
CA HIS B 99 -12.76 -17.08 8.57
C HIS B 99 -12.22 -17.86 9.75
N TRP B 100 -11.12 -17.39 10.33
CA TRP B 100 -10.44 -18.17 11.37
C TRP B 100 -9.62 -17.23 12.24
N GLU B 101 -10.04 -17.12 13.49
CA GLU B 101 -9.39 -16.21 14.46
C GLU B 101 -8.33 -16.90 15.31
N GLY B 102 -8.00 -18.14 14.99
CA GLY B 102 -7.11 -18.94 15.87
C GLY B 102 -5.70 -18.38 16.00
N TYR B 103 -5.17 -17.75 14.95
CA TYR B 103 -3.82 -17.21 15.12
C TYR B 103 -3.82 -15.86 15.84
N HIS B 104 -4.90 -15.10 15.67
CA HIS B 104 -4.90 -13.67 16.10
C HIS B 104 -6.16 -13.45 16.86
N PRO B 105 -6.26 -14.06 18.07
CA PRO B 105 -7.60 -14.03 18.71
C PRO B 105 -8.06 -12.68 19.22
N THR B 106 -7.16 -11.69 19.21
CA THR B 106 -7.50 -10.34 19.68
C THR B 106 -7.91 -9.43 18.52
N VAL B 107 -7.94 -9.95 17.27
CA VAL B 107 -8.12 -9.09 16.07
C VAL B 107 -9.49 -9.24 15.53
N ASN B 108 -10.14 -8.12 15.21
CA ASN B 108 -11.39 -8.16 14.46
C ASN B 108 -11.48 -6.97 13.50
N SER B 109 -12.61 -6.84 12.83
CA SER B 109 -12.83 -5.63 12.03
CA SER B 109 -12.82 -5.62 12.05
C SER B 109 -13.77 -4.71 12.82
N PRO B 110 -13.63 -3.39 12.63
N PRO B 110 -13.62 -3.39 12.66
CA PRO B 110 -14.51 -2.46 13.31
CA PRO B 110 -14.25 -2.40 13.58
C PRO B 110 -15.99 -2.76 13.11
C PRO B 110 -15.73 -2.02 13.36
N TYR B 111 -16.76 -2.69 14.20
N TYR B 111 -16.65 -2.98 13.51
CA TYR B 111 -18.23 -2.67 14.09
CA TYR B 111 -18.11 -2.76 13.39
C TYR B 111 -18.76 -1.48 14.82
C TYR B 111 -18.73 -1.69 14.36
N GLY B 112 -19.54 -0.70 14.07
N GLY B 112 -19.48 -0.68 13.84
CA GLY B 112 -20.07 0.47 14.63
C GLY B 112 -19.09 1.60 14.81
N LEU B 113 -17.86 1.36 14.35
CA LEU B 113 -16.81 2.34 14.41
C LEU B 113 -16.40 2.69 13.01
N PRO B 114 -15.71 3.82 12.84
CA PRO B 114 -15.36 4.17 11.49
C PRO B 114 -14.49 3.08 10.82
N PRO B 115 -14.62 2.92 9.53
CA PRO B 115 -13.72 2.00 8.84
C PRO B 115 -12.27 2.34 9.19
N HIS B 116 -11.48 1.30 9.44
CA HIS B 116 -10.03 1.47 9.60
C HIS B 116 -9.33 1.29 8.25
N PRO B 117 -8.36 2.18 7.90
CA PRO B 117 -7.73 2.08 6.58
C PRO B 117 -7.05 0.75 6.30
N GLU B 118 -6.68 0.02 7.36
CA GLU B 118 -6.05 -1.27 7.18
C GLU B 118 -7.04 -2.44 7.28
N GLY B 119 -8.27 -2.18 7.70
CA GLY B 119 -9.35 -3.19 7.69
C GLY B 119 -9.44 -4.05 8.95
N TYR B 120 -8.47 -3.89 9.86
CA TYR B 120 -8.42 -4.70 11.09
C TYR B 120 -8.02 -3.87 12.28
N VAL B 121 -8.54 -4.23 13.43
CA VAL B 121 -8.19 -3.58 14.66
C VAL B 121 -7.97 -4.62 15.76
N ASP B 122 -7.22 -4.22 16.79
CA ASP B 122 -7.04 -5.09 17.93
C ASP B 122 -8.16 -4.88 18.97
N ALA B 123 -9.13 -5.81 18.98
CA ALA B 123 -10.24 -5.68 19.92
C ALA B 123 -9.87 -5.76 21.41
N LEU B 124 -8.78 -6.44 21.75
CA LEU B 124 -8.38 -6.48 23.13
C LEU B 124 -7.95 -5.11 23.58
N ILE B 125 -7.27 -4.38 22.69
CA ILE B 125 -6.95 -2.98 22.93
C ILE B 125 -8.23 -2.17 23.16
N ALA B 126 -9.27 -2.40 22.36
CA ALA B 126 -10.55 -1.72 22.63
C ALA B 126 -11.02 -1.97 24.07
N GLY B 127 -10.95 -3.23 24.53
CA GLY B 127 -11.37 -3.53 25.90
C GLY B 127 -10.49 -2.85 26.93
N ALA B 128 -9.18 -2.75 26.63
CA ALA B 128 -8.23 -2.04 27.50
C ALA B 128 -8.55 -0.53 27.62
N VAL B 129 -8.79 0.11 26.46
CA VAL B 129 -9.26 1.51 26.41
C VAL B 129 -10.50 1.75 27.30
N VAL B 130 -11.48 0.86 27.20
CA VAL B 130 -12.70 0.95 28.01
C VAL B 130 -12.41 0.77 29.51
N MET B 131 -11.47 -0.11 29.84
CA MET B 131 -11.01 -0.40 31.20
C MET B 131 -10.11 0.68 31.80
N ASP B 132 -9.82 1.73 31.03
CA ASP B 132 -8.82 2.76 31.37
C ASP B 132 -7.42 2.19 31.60
N VAL B 133 -7.05 1.15 30.86
CA VAL B 133 -5.68 0.67 30.87
C VAL B 133 -4.87 1.54 29.95
N ASP B 134 -3.82 2.16 30.51
CA ASP B 134 -2.93 3.01 29.73
CA ASP B 134 -2.85 2.99 29.79
C ASP B 134 -2.17 2.20 28.68
N LYS B 135 -1.88 2.85 27.56
CA LYS B 135 -1.21 2.14 26.46
C LYS B 135 0.16 1.58 26.86
N GLU B 136 0.87 2.32 27.70
CA GLU B 136 2.16 1.87 28.22
CA GLU B 136 2.17 1.84 28.18
C GLU B 136 2.03 0.57 29.03
N THR B 137 0.98 0.52 29.84
CA THR B 137 0.69 -0.62 30.68
C THR B 137 0.36 -1.84 29.79
N TYR B 138 -0.44 -1.60 28.75
CA TYR B 138 -0.75 -2.71 27.85
C TYR B 138 0.50 -3.28 27.22
N LEU B 139 1.39 -2.41 26.70
CA LEU B 139 2.59 -2.87 26.04
C LEU B 139 3.52 -3.65 26.98
N ARG B 140 3.49 -3.29 28.27
N ARG B 140 3.49 -3.35 28.28
CA ARG B 140 4.22 -4.04 29.31
CA ARG B 140 4.29 -4.12 29.24
C ARG B 140 3.74 -5.49 29.46
C ARG B 140 3.55 -5.35 29.77
N HIS B 141 2.46 -5.74 29.10
CA HIS B 141 1.70 -6.95 29.51
C HIS B 141 1.42 -7.85 28.30
N LEU B 142 2.13 -7.67 27.21
CA LEU B 142 1.87 -8.50 26.02
C LEU B 142 2.09 -9.97 26.34
N GLU B 143 3.09 -10.29 27.16
CA GLU B 143 3.38 -11.69 27.48
C GLU B 143 2.30 -12.26 28.36
N GLU B 144 1.79 -11.48 29.33
CA GLU B 144 0.68 -11.94 30.17
CA GLU B 144 0.70 -12.00 30.14
C GLU B 144 -0.55 -12.25 29.31
N ILE B 145 -0.81 -11.38 28.34
CA ILE B 145 -1.94 -11.58 27.41
C ILE B 145 -1.72 -12.85 26.60
N GLY B 146 -0.51 -13.01 26.06
CA GLY B 146 -0.18 -14.18 25.25
C GLY B 146 -0.24 -15.48 26.05
N ALA B 147 0.16 -15.40 27.33
CA ALA B 147 0.07 -16.57 28.22
C ALA B 147 -1.34 -16.97 28.47
N SER B 148 -2.21 -15.97 28.69
CA SER B 148 -3.63 -16.26 28.87
C SER B 148 -4.22 -16.91 27.63
N LEU B 149 -3.91 -16.37 26.45
CA LEU B 149 -4.43 -17.01 25.23
C LEU B 149 -3.87 -18.43 25.02
N ARG B 150 -2.61 -18.65 25.41
CA ARG B 150 -2.01 -19.97 25.29
CA ARG B 150 -1.99 -19.97 25.32
C ARG B 150 -2.76 -20.99 26.17
N ILE B 151 -3.09 -20.58 27.38
CA ILE B 151 -3.85 -21.46 28.29
C ILE B 151 -5.18 -21.82 27.65
N ASP B 152 -5.71 -20.85 26.88
CA ASP B 152 -7.04 -21.05 26.26
C ASP B 152 -7.02 -21.51 24.80
N ILE B 153 -5.88 -22.00 24.30
CA ILE B 153 -5.76 -22.27 22.85
C ILE B 153 -6.73 -23.33 22.33
N ASP B 154 -6.97 -24.37 23.13
CA ASP B 154 -7.92 -25.36 22.64
C ASP B 154 -9.35 -24.83 22.62
N GLU B 155 -9.73 -23.97 23.56
CA GLU B 155 -11.09 -23.38 23.60
C GLU B 155 -11.26 -22.46 22.38
N ILE B 156 -10.20 -21.69 22.08
CA ILE B 156 -10.22 -20.79 20.91
C ILE B 156 -10.42 -21.61 19.63
N GLU B 157 -9.62 -22.65 19.45
CA GLU B 157 -9.69 -23.51 18.27
C GLU B 157 -11.05 -24.21 18.17
N SER B 158 -11.58 -24.69 19.29
CA SER B 158 -12.89 -25.36 19.27
CA SER B 158 -12.88 -25.35 19.24
C SER B 158 -14.00 -24.41 18.79
N TRP B 159 -13.95 -23.16 19.21
CA TRP B 159 -14.94 -22.19 18.87
C TRP B 159 -14.77 -21.83 17.40
N CYS B 160 -13.53 -21.71 16.96
CA CYS B 160 -13.28 -21.37 15.55
C CYS B 160 -13.86 -22.45 14.63
N VAL B 161 -13.69 -23.73 14.99
CA VAL B 161 -14.24 -24.81 14.19
C VAL B 161 -15.77 -24.77 14.28
N ASP B 162 -16.32 -24.58 15.50
CA ASP B 162 -17.79 -24.45 15.68
C ASP B 162 -18.41 -23.37 14.78
N GLU B 163 -17.74 -22.22 14.67
CA GLU B 163 -18.22 -21.14 13.81
C GLU B 163 -18.28 -21.55 12.34
N LEU B 164 -17.27 -22.27 11.88
CA LEU B 164 -17.26 -22.75 10.50
C LEU B 164 -18.34 -23.79 10.27
N LYS B 165 -18.48 -24.71 11.22
CA LYS B 165 -19.52 -25.75 11.05
C LYS B 165 -20.91 -25.14 11.07
N THR B 166 -21.14 -24.11 11.87
CA THR B 166 -22.41 -23.37 11.89
C THR B 166 -22.69 -22.73 10.53
N ARG B 167 -21.68 -22.11 9.96
CA ARG B 167 -21.88 -21.44 8.68
CA ARG B 167 -21.77 -21.43 8.65
CA ARG B 167 -21.88 -21.43 8.69
C ARG B 167 -22.12 -22.42 7.54
N GLU B 168 -21.58 -23.63 7.66
CA GLU B 168 -21.75 -24.74 6.72
C GLU B 168 -23.22 -25.04 6.46
N VAL B 169 -24.08 -24.79 7.45
CA VAL B 169 -25.54 -25.01 7.40
C VAL B 169 -26.11 -24.14 6.26
N GLY B 170 -25.48 -23.01 6.03
CA GLY B 170 -25.81 -22.18 4.87
C GLY B 170 -26.93 -21.16 5.03
N GLU B 171 -27.13 -20.61 6.24
CA GLU B 171 -28.10 -19.53 6.46
C GLU B 171 -27.86 -18.26 5.60
N ASN B 172 -26.61 -18.01 5.25
CA ASN B 172 -26.27 -16.87 4.39
C ASN B 172 -26.53 -17.18 2.90
N ASP B 173 -27.00 -18.41 2.61
CA ASP B 173 -27.29 -18.91 1.23
C ASP B 173 -28.66 -19.63 1.16
N GLY B 174 -29.63 -19.04 1.83
CA GLY B 174 -31.00 -19.55 1.81
C GLY B 174 -31.15 -20.96 2.36
N GLY B 175 -30.27 -21.33 3.28
CA GLY B 175 -30.35 -22.64 3.94
C GLY B 175 -29.77 -23.82 3.17
N LYS B 176 -29.11 -23.56 2.05
CA LYS B 176 -28.39 -24.57 1.33
C LYS B 176 -27.03 -24.86 1.98
N GLN B 177 -26.75 -26.14 2.25
CA GLN B 177 -25.49 -26.55 2.88
C GLN B 177 -24.33 -26.22 1.97
N ILE B 178 -23.24 -25.68 2.53
CA ILE B 178 -22.08 -25.39 1.71
CA ILE B 178 -22.02 -25.40 1.76
C ILE B 178 -21.48 -26.64 1.06
N ASP B 179 -21.26 -26.57 -0.24
CA ASP B 179 -20.78 -27.69 -1.04
C ASP B 179 -19.29 -28.04 -0.79
N ILE B 180 -18.43 -27.02 -0.69
CA ILE B 180 -16.99 -27.24 -0.72
C ILE B 180 -16.41 -26.54 0.52
N SER B 181 -15.83 -27.34 1.42
CA SER B 181 -15.23 -26.80 2.67
CA SER B 181 -15.21 -26.78 2.65
C SER B 181 -13.88 -27.45 3.00
N VAL B 182 -13.11 -26.78 3.84
CA VAL B 182 -11.80 -27.27 4.28
C VAL B 182 -11.63 -27.22 5.79
N THR B 183 -12.72 -27.23 6.53
CA THR B 183 -12.72 -27.11 8.02
C THR B 183 -11.82 -28.15 8.69
N ASP B 184 -11.93 -29.42 8.28
CA ASP B 184 -11.05 -30.47 8.83
C ASP B 184 -9.57 -30.26 8.59
N PHE B 185 -9.21 -29.78 7.40
CA PHE B 185 -7.86 -29.46 7.02
C PHE B 185 -7.34 -28.32 7.88
N ILE B 186 -8.15 -27.26 8.05
CA ILE B 186 -7.69 -26.15 8.90
C ILE B 186 -7.36 -26.60 10.34
N LEU B 187 -8.29 -27.29 11.00
CA LEU B 187 -8.07 -27.70 12.39
C LEU B 187 -6.83 -28.60 12.48
N ALA B 188 -6.70 -29.53 11.55
CA ALA B 188 -5.55 -30.44 11.57
C ALA B 188 -4.19 -29.83 11.30
N ASN B 189 -4.14 -28.72 10.57
CA ASN B 189 -2.87 -28.21 10.09
C ASN B 189 -2.49 -26.83 10.69
N CYS B 190 -3.45 -26.19 11.35
CA CYS B 190 -3.24 -24.78 11.71
C CYS B 190 -2.03 -24.49 12.59
N ARG B 191 -1.66 -25.44 13.47
CA ARG B 191 -0.48 -25.22 14.31
C ARG B 191 0.82 -25.55 13.60
N GLN B 192 0.75 -26.28 12.48
CA GLN B 192 1.94 -26.68 11.76
C GLN B 192 2.34 -25.76 10.61
N LYS B 193 1.33 -25.18 9.96
CA LYS B 193 1.49 -24.39 8.75
C LYS B 193 0.65 -23.14 8.97
N ARG B 194 1.18 -22.00 8.57
CA ARG B 194 0.41 -20.73 8.65
C ARG B 194 -0.66 -20.69 7.57
N LEU B 195 -1.91 -20.82 7.98
CA LEU B 195 -2.98 -20.96 7.00
C LEU B 195 -3.74 -19.63 6.74
N PHE B 196 -3.54 -18.63 7.59
CA PHE B 196 -4.23 -17.31 7.49
C PHE B 196 -3.24 -16.24 7.84
N TYR B 197 -3.20 -15.20 6.98
CA TYR B 197 -2.49 -13.94 7.34
C TYR B 197 -3.32 -12.99 8.21
N THR B 198 -4.64 -12.96 8.00
CA THR B 198 -5.60 -12.32 8.89
C THR B 198 -6.79 -13.29 8.97
N MET B 199 -7.75 -12.99 9.82
CA MET B 199 -8.92 -13.86 10.06
CA MET B 199 -8.82 -13.96 10.04
C MET B 199 -9.63 -14.26 8.78
N ASN B 200 -9.57 -13.39 7.76
CA ASN B 200 -10.30 -13.68 6.54
C ASN B 200 -9.45 -13.60 5.27
N HIS B 201 -8.11 -13.70 5.43
CA HIS B 201 -7.19 -13.75 4.31
C HIS B 201 -6.34 -15.02 4.40
N PRO B 202 -6.83 -16.13 3.86
CA PRO B 202 -6.03 -17.32 3.72
C PRO B 202 -4.68 -17.07 3.06
N THR B 203 -3.66 -17.80 3.50
CA THR B 203 -2.38 -17.84 2.81
C THR B 203 -2.43 -18.74 1.57
N ALA B 204 -1.34 -18.77 0.79
CA ALA B 204 -1.27 -19.55 -0.43
C ALA B 204 -1.56 -21.02 -0.17
N ALA B 205 -1.05 -21.54 0.94
CA ALA B 205 -1.28 -22.97 1.21
C ALA B 205 -2.76 -23.29 1.39
N LEU B 206 -3.50 -22.42 2.07
CA LEU B 206 -4.90 -22.65 2.19
C LEU B 206 -5.64 -22.42 0.86
N MET B 207 -5.24 -21.40 0.09
CA MET B 207 -5.93 -21.15 -1.19
C MET B 207 -5.74 -22.32 -2.13
N ARG B 208 -4.53 -22.91 -2.16
CA ARG B 208 -4.32 -24.12 -2.97
C ARG B 208 -5.23 -25.25 -2.48
N GLU B 209 -5.33 -25.42 -1.17
CA GLU B 209 -6.20 -26.49 -0.64
C GLU B 209 -7.64 -26.35 -1.05
N ILE B 210 -8.20 -25.15 -0.92
CA ILE B 210 -9.60 -24.99 -1.29
C ILE B 210 -9.78 -25.13 -2.81
N ALA B 211 -8.85 -24.59 -3.59
CA ALA B 211 -8.91 -24.73 -5.05
C ALA B 211 -8.88 -26.21 -5.44
N ALA B 212 -8.07 -27.02 -4.74
CA ALA B 212 -8.04 -28.46 -5.00
C ALA B 212 -9.39 -29.10 -4.69
N ARG B 213 -10.04 -28.70 -3.61
CA ARG B 213 -11.34 -29.26 -3.28
C ARG B 213 -12.38 -28.88 -4.34
N CYS B 214 -12.25 -27.68 -4.94
CA CYS B 214 -13.13 -27.28 -6.02
C CYS B 214 -12.92 -28.21 -7.21
N MET B 215 -11.65 -28.43 -7.57
CA MET B 215 -11.33 -29.34 -8.70
C MET B 215 -11.86 -30.74 -8.46
N LEU B 216 -11.74 -31.23 -7.22
CA LEU B 216 -12.29 -32.56 -6.91
C LEU B 216 -13.83 -32.61 -7.06
N ALA B 217 -14.51 -31.55 -6.65
CA ALA B 217 -15.98 -31.47 -6.76
C ALA B 217 -16.43 -31.46 -8.23
N LEU B 218 -15.56 -30.97 -9.12
CA LEU B 218 -15.85 -30.91 -10.55
C LEU B 218 -15.51 -32.22 -11.24
N GLY B 219 -14.95 -33.15 -10.50
CA GLY B 219 -14.61 -34.46 -11.07
C GLY B 219 -13.20 -34.70 -11.54
N TYR B 220 -12.28 -33.75 -11.31
CA TYR B 220 -10.86 -33.99 -11.57
C TYR B 220 -10.33 -34.92 -10.48
N THR B 221 -9.24 -35.62 -10.78
CA THR B 221 -8.68 -36.48 -9.75
C THR B 221 -7.44 -35.82 -9.18
N TYR B 222 -6.88 -36.44 -8.16
CA TYR B 222 -5.75 -35.88 -7.45
C TYR B 222 -4.55 -35.58 -8.34
N SER B 223 -4.28 -36.47 -9.31
CA SER B 223 -3.15 -36.31 -10.21
CA SER B 223 -3.16 -36.31 -10.24
C SER B 223 -3.30 -35.13 -11.19
N ASP B 224 -4.52 -34.57 -11.30
CA ASP B 224 -4.78 -33.46 -12.21
C ASP B 224 -4.40 -32.10 -11.60
N ILE B 225 -4.27 -32.08 -10.28
CA ILE B 225 -4.27 -30.82 -9.52
C ILE B 225 -2.86 -30.31 -9.26
N SER B 226 -2.53 -29.17 -9.84
CA SER B 226 -1.21 -28.56 -9.61
C SER B 226 -1.33 -27.07 -9.86
N PHE B 227 -0.85 -26.27 -8.92
CA PHE B 227 -1.02 -24.82 -8.99
C PHE B 227 0.34 -24.14 -9.04
N ASP B 228 0.33 -22.86 -9.38
CA ASP B 228 1.52 -22.00 -9.31
C ASP B 228 1.85 -21.74 -7.84
N GLN B 229 2.98 -22.29 -7.39
CA GLN B 229 3.44 -22.20 -6.00
C GLN B 229 3.83 -20.80 -5.58
N ASN B 230 4.01 -19.89 -6.54
CA ASN B 230 4.41 -18.52 -6.22
C ASN B 230 3.26 -17.55 -6.02
N LEU B 231 2.06 -18.01 -6.35
CA LEU B 231 0.84 -17.21 -6.15
C LEU B 231 0.49 -17.13 -4.66
N ASP B 232 0.28 -15.91 -4.17
CA ASP B 232 -0.11 -15.68 -2.75
C ASP B 232 -1.01 -14.43 -2.75
N PRO B 233 -2.25 -14.59 -3.23
CA PRO B 233 -3.02 -13.42 -3.65
C PRO B 233 -3.47 -12.53 -2.53
N LEU B 234 -3.63 -13.08 -1.32
CA LEU B 234 -4.15 -12.30 -0.21
C LEU B 234 -3.14 -11.91 0.85
N ASP B 235 -1.96 -11.44 0.41
CA ASP B 235 -0.85 -11.18 1.32
C ASP B 235 -0.63 -9.70 1.65
N VAL B 236 -1.61 -8.87 1.37
CA VAL B 236 -1.49 -7.43 1.62
C VAL B 236 -1.15 -7.12 3.09
N THR B 237 -1.83 -7.82 4.03
CA THR B 237 -1.74 -7.51 5.43
C THR B 237 -1.47 -8.80 6.21
N LYS B 238 -0.49 -8.73 7.11
CA LYS B 238 -0.08 -9.92 7.82
C LYS B 238 -0.09 -9.56 9.30
N MET B 239 -1.02 -10.11 10.07
CA MET B 239 -1.09 -9.87 11.48
C MET B 239 -0.02 -10.71 12.20
N SER B 240 0.51 -10.12 13.26
CA SER B 240 1.53 -10.72 14.10
CA SER B 240 1.52 -10.78 14.07
C SER B 240 0.92 -11.46 15.29
N LEU B 241 1.42 -12.66 15.57
CA LEU B 241 0.94 -13.38 16.74
C LEU B 241 1.56 -12.82 18.01
N TYR B 242 0.79 -12.84 19.09
CA TYR B 242 1.25 -12.29 20.38
C TYR B 242 2.36 -13.19 20.95
N PRO B 243 3.19 -12.60 21.78
CA PRO B 243 4.27 -13.39 22.41
C PRO B 243 3.66 -14.53 23.25
N ILE B 244 4.46 -15.59 23.42
CA ILE B 244 4.04 -16.79 24.17
C ILE B 244 3.02 -17.62 23.36
N TYR B 245 1.90 -17.01 23.01
CA TYR B 245 0.91 -17.69 22.16
C TYR B 245 1.57 -18.15 20.87
N ARG B 246 2.45 -17.33 20.32
CA ARG B 246 3.07 -17.64 19.04
CA ARG B 246 3.10 -17.64 19.06
C ARG B 246 3.92 -18.94 19.10
N ASP B 247 4.38 -19.29 20.30
CA ASP B 247 5.22 -20.47 20.44
C ASP B 247 4.44 -21.77 20.39
N CYS B 248 3.11 -21.69 20.36
CA CYS B 248 2.24 -22.86 20.10
C CYS B 248 2.28 -23.30 18.63
N PHE B 249 2.93 -22.51 17.78
CA PHE B 249 2.89 -22.71 16.31
C PHE B 249 4.26 -23.05 15.81
N ASP B 250 4.33 -24.07 14.94
CA ASP B 250 5.64 -24.61 14.55
CA ASP B 250 5.62 -24.63 14.53
C ASP B 250 6.44 -23.68 13.67
N PHE B 251 5.76 -22.73 13.05
CA PHE B 251 6.39 -21.81 12.10
C PHE B 251 6.99 -20.55 12.72
N SER B 252 6.73 -20.31 14.01
CA SER B 252 7.26 -19.14 14.68
CA SER B 252 7.26 -19.14 14.68
C SER B 252 8.77 -19.28 14.91
N GLU B 253 9.50 -18.19 14.67
CA GLU B 253 10.92 -18.05 15.01
C GLU B 253 11.00 -16.86 15.99
N LEU B 254 11.64 -17.07 17.14
CA LEU B 254 11.41 -16.21 18.32
C LEU B 254 12.16 -14.88 18.45
N ASN B 255 11.54 -13.80 17.97
N ASN B 255 11.51 -13.79 18.02
CA ASN B 255 11.79 -12.47 18.53
CA ASN B 255 12.10 -12.44 18.07
C ASN B 255 10.69 -12.27 19.59
C ASN B 255 11.32 -11.40 18.86
N ARG B 256 10.47 -11.04 20.05
N ARG B 256 10.61 -11.83 19.90
CA ARG B 256 9.38 -10.84 21.04
CA ARG B 256 9.84 -10.90 20.72
C ARG B 256 8.03 -11.01 20.36
C ARG B 256 8.68 -10.39 19.90
N MET B 257 7.85 -10.23 19.29
N MET B 257 7.95 -11.32 19.30
CA MET B 257 6.63 -10.22 18.51
CA MET B 257 6.83 -10.96 18.42
C MET B 257 7.09 -9.80 17.12
C MET B 257 7.37 -10.29 17.15
N ASN B 258 6.68 -10.53 16.06
CA ASN B 258 7.07 -10.13 14.72
C ASN B 258 6.51 -8.74 14.37
N GLU B 259 7.16 -8.07 13.44
CA GLU B 259 6.56 -6.88 12.87
CA GLU B 259 6.58 -6.88 12.82
C GLU B 259 5.26 -7.25 12.15
N TYR B 260 4.36 -6.30 12.09
CA TYR B 260 3.12 -6.44 11.30
C TYR B 260 3.38 -6.00 9.88
N GLN B 261 2.58 -6.48 8.94
CA GLN B 261 2.56 -5.89 7.60
C GLN B 261 1.18 -5.37 7.42
N VAL B 262 1.07 -4.09 7.10
CA VAL B 262 -0.24 -3.46 6.84
C VAL B 262 -0.19 -2.74 5.49
N LEU B 263 -1.05 -3.15 4.55
CA LEU B 263 -1.08 -2.54 3.19
C LEU B 263 0.31 -2.56 2.56
N TYR B 264 0.93 -3.74 2.64
CA TYR B 264 2.28 -4.03 2.13
C TYR B 264 3.41 -3.24 2.79
N LYS B 265 3.15 -2.55 3.89
CA LYS B 265 4.19 -1.82 4.62
C LYS B 265 4.47 -2.54 5.93
N LYS B 266 5.75 -2.66 6.30
CA LYS B 266 6.11 -3.20 7.62
C LYS B 266 5.97 -2.15 8.70
N LYS B 267 5.49 -2.58 9.85
CA LYS B 267 5.34 -1.73 11.01
CA LYS B 267 5.34 -1.73 11.01
C LYS B 267 5.75 -2.53 12.24
N ALA B 268 6.66 -1.97 13.03
CA ALA B 268 7.11 -2.67 14.21
C ALA B 268 5.97 -2.85 15.20
N TYR B 269 5.99 -3.92 16.02
CA TYR B 269 4.84 -4.21 16.89
C TYR B 269 4.50 -3.10 17.88
N GLU B 270 5.50 -2.46 18.51
CA GLU B 270 5.19 -1.45 19.52
CA GLU B 270 5.26 -1.41 19.52
C GLU B 270 4.45 -0.25 18.94
N PRO B 271 4.95 0.36 17.83
CA PRO B 271 4.21 1.46 17.24
C PRO B 271 2.86 1.05 16.68
N TYR B 272 2.79 -0.15 16.11
CA TYR B 272 1.49 -0.63 15.62
C TYR B 272 0.45 -0.65 16.75
N LEU B 273 0.80 -1.25 17.89
CA LEU B 273 -0.10 -1.35 18.99
C LEU B 273 -0.40 0.01 19.64
N LEU B 274 0.63 0.86 19.73
CA LEU B 274 0.36 2.20 20.27
C LEU B 274 -0.58 2.99 19.35
N GLU B 275 -0.44 2.85 18.04
CA GLU B 275 -1.38 3.50 17.09
C GLU B 275 -2.79 2.96 17.20
N GLN B 276 -2.92 1.69 17.54
CA GLN B 276 -4.25 1.17 17.81
C GLN B 276 -4.94 1.85 18.98
N PHE B 277 -4.20 2.08 20.08
CA PHE B 277 -4.72 2.89 21.20
C PHE B 277 -5.14 4.28 20.70
N GLU B 278 -4.29 4.93 19.92
CA GLU B 278 -4.56 6.29 19.40
C GLU B 278 -5.83 6.29 18.56
N TRP B 279 -5.98 5.28 17.72
CA TRP B 279 -7.14 5.15 16.83
C TRP B 279 -8.44 5.00 17.65
N PHE B 280 -8.48 4.12 18.65
CA PHE B 280 -9.64 3.96 19.45
C PHE B 280 -10.00 5.19 20.27
N GLU B 281 -8.97 5.90 20.74
CA GLU B 281 -9.12 7.15 21.51
CA GLU B 281 -9.24 7.09 21.54
C GLU B 281 -9.88 8.21 20.72
N ARG B 282 -9.86 8.09 19.39
CA ARG B 282 -10.50 9.09 18.52
C ARG B 282 -12.02 8.94 18.45
N SER B 283 -12.52 7.74 18.72
CA SER B 283 -13.94 7.43 18.67
C SER B 283 -14.59 7.67 20.03
N PRO B 284 -15.94 7.80 20.06
CA PRO B 284 -16.62 7.92 21.35
C PRO B 284 -16.40 6.69 22.21
N LYS B 285 -16.14 6.88 23.50
CA LYS B 285 -15.85 5.76 24.38
C LYS B 285 -17.04 4.80 24.48
N ALA B 286 -18.26 5.33 24.49
CA ALA B 286 -19.43 4.49 24.56
C ALA B 286 -19.49 3.56 23.35
N ASP B 287 -19.03 4.06 22.20
CA ASP B 287 -19.06 3.24 20.99
C ASP B 287 -17.94 2.21 20.99
N VAL B 288 -16.78 2.59 21.50
CA VAL B 288 -15.69 1.57 21.65
C VAL B 288 -16.15 0.48 22.63
N SER B 289 -16.79 0.88 23.71
CA SER B 289 -17.35 -0.08 24.65
C SER B 289 -18.40 -1.01 24.03
N ALA B 290 -19.31 -0.46 23.22
CA ALA B 290 -20.27 -1.31 22.52
C ALA B 290 -19.57 -2.32 21.57
N PHE B 291 -18.52 -1.85 20.94
CA PHE B 291 -17.75 -2.69 20.00
C PHE B 291 -17.10 -3.84 20.78
N PHE B 292 -16.46 -3.53 21.89
CA PHE B 292 -15.81 -4.56 22.67
C PHE B 292 -16.82 -5.54 23.23
N ASP B 293 -17.95 -5.05 23.77
CA ASP B 293 -18.95 -5.99 24.26
C ASP B 293 -19.44 -6.95 23.17
N ARG B 294 -19.62 -6.45 21.94
CA ARG B 294 -20.06 -7.29 20.83
C ARG B 294 -19.02 -8.37 20.51
N VAL B 295 -17.73 -8.01 20.51
CA VAL B 295 -16.67 -8.97 20.19
C VAL B 295 -16.57 -9.99 21.34
N ALA B 296 -16.59 -9.47 22.56
CA ALA B 296 -16.36 -10.29 23.75
C ALA B 296 -17.50 -11.23 24.08
N ALA B 297 -18.73 -10.91 23.65
CA ALA B 297 -19.90 -11.72 24.06
C ALA B 297 -19.73 -13.20 23.76
N ASN B 298 -19.20 -13.53 22.60
CA ASN B 298 -19.05 -14.95 22.23
C ASN B 298 -17.63 -15.48 22.23
N ARG B 299 -16.71 -14.69 22.77
CA ARG B 299 -15.27 -15.05 22.80
C ARG B 299 -14.78 -14.91 24.25
N ARG B 300 -14.98 -15.97 25.04
CA ARG B 300 -14.67 -15.95 26.50
C ARG B 300 -13.22 -15.52 26.79
N TRP B 301 -12.32 -15.98 25.92
CA TRP B 301 -10.88 -15.81 26.11
C TRP B 301 -10.47 -14.35 26.05
N VAL B 302 -11.25 -13.53 25.34
CA VAL B 302 -10.95 -12.10 25.31
C VAL B 302 -11.15 -11.39 26.66
N ARG B 303 -12.30 -11.62 27.32
CA ARG B 303 -12.51 -11.07 28.66
CA ARG B 303 -12.50 -11.07 28.66
C ARG B 303 -11.53 -11.67 29.67
N THR B 304 -11.27 -12.98 29.51
CA THR B 304 -10.35 -13.68 30.39
C THR B 304 -8.93 -13.10 30.27
N ALA B 305 -8.45 -12.84 29.05
CA ALA B 305 -7.12 -12.26 28.92
C ALA B 305 -7.03 -10.88 29.54
N LEU B 306 -8.07 -10.05 29.33
CA LEU B 306 -8.10 -8.73 29.92
C LEU B 306 -8.09 -8.78 31.46
N ARG B 307 -8.80 -9.74 32.05
CA ARG B 307 -8.87 -9.84 33.49
CA ARG B 307 -8.88 -9.89 33.49
C ARG B 307 -7.55 -10.38 34.05
N ARG B 308 -7.03 -11.48 33.48
CA ARG B 308 -5.75 -12.05 33.93
C ARG B 308 -4.59 -11.08 33.83
N ALA B 309 -4.60 -10.22 32.82
CA ALA B 309 -3.50 -9.28 32.60
C ALA B 309 -3.56 -8.05 33.48
N PHE B 310 -4.75 -7.48 33.60
CA PHE B 310 -4.91 -6.13 34.17
C PHE B 310 -5.73 -6.08 35.46
N GLU B 311 -6.08 -7.25 35.97
CA GLU B 311 -6.75 -7.43 37.27
C GLU B 311 -6.10 -6.64 38.40
N SER B 312 -4.95 -6.91 38.76
#